data_1EEL
# 
_entry.id   1EEL 
# 
_audit_conform.dict_name       mmcif_pdbx.dic 
_audit_conform.dict_version    5.389 
_audit_conform.dict_location   http://mmcif.pdb.org/dictionaries/ascii/mmcif_pdbx.dic 
# 
loop_
_database_2.database_id 
_database_2.database_code 
_database_2.pdbx_database_accession 
_database_2.pdbx_DOI 
PDB   1EEL         pdb_00001eel 10.2210/pdb1eel/pdb 
NDB   DD0025       ?            ?                   
RCSB  RCSB010498   ?            ?                   
WWPDB D_1000010498 ?            ?                   
# 
loop_
_pdbx_audit_revision_history.ordinal 
_pdbx_audit_revision_history.data_content_type 
_pdbx_audit_revision_history.major_revision 
_pdbx_audit_revision_history.minor_revision 
_pdbx_audit_revision_history.revision_date 
1 'Structure model' 1 0 2000-02-09 
2 'Structure model' 1 1 2008-04-27 
3 'Structure model' 1 2 2011-07-13 
4 'Structure model' 1 3 2017-10-04 
5 'Structure model' 1 4 2024-02-07 
6 'Structure model' 1 5 2024-04-03 
# 
_pdbx_audit_revision_details.ordinal             1 
_pdbx_audit_revision_details.revision_ordinal    1 
_pdbx_audit_revision_details.data_content_type   'Structure model' 
_pdbx_audit_revision_details.provider            repository 
_pdbx_audit_revision_details.type                'Initial release' 
_pdbx_audit_revision_details.description         ? 
_pdbx_audit_revision_details.details             ? 
# 
loop_
_pdbx_audit_revision_group.ordinal 
_pdbx_audit_revision_group.revision_ordinal 
_pdbx_audit_revision_group.data_content_type 
_pdbx_audit_revision_group.group 
1 2 'Structure model' 'Version format compliance' 
2 3 'Structure model' 'Version format compliance' 
3 4 'Structure model' 'Refinement description'    
4 5 'Structure model' 'Data collection'           
5 5 'Structure model' 'Database references'       
6 5 'Structure model' 'Derived calculations'      
7 6 'Structure model' 'Refinement description'    
# 
loop_
_pdbx_audit_revision_category.ordinal 
_pdbx_audit_revision_category.revision_ordinal 
_pdbx_audit_revision_category.data_content_type 
_pdbx_audit_revision_category.category 
1 4 'Structure model' software                      
2 5 'Structure model' chem_comp_atom                
3 5 'Structure model' chem_comp_bond                
4 5 'Structure model' database_2                    
5 5 'Structure model' struct_site                   
6 6 'Structure model' pdbx_initial_refinement_model 
# 
loop_
_pdbx_audit_revision_item.ordinal 
_pdbx_audit_revision_item.revision_ordinal 
_pdbx_audit_revision_item.data_content_type 
_pdbx_audit_revision_item.item 
1 5 'Structure model' '_database_2.pdbx_DOI'                
2 5 'Structure model' '_database_2.pdbx_database_accession' 
3 5 'Structure model' '_struct_site.pdbx_auth_asym_id'      
4 5 'Structure model' '_struct_site.pdbx_auth_comp_id'      
5 5 'Structure model' '_struct_site.pdbx_auth_seq_id'       
# 
_pdbx_database_status.status_code                     REL 
_pdbx_database_status.entry_id                        1EEL 
_pdbx_database_status.recvd_initial_deposition_date   2000-02-01 
_pdbx_database_status.deposit_site                    NDB 
_pdbx_database_status.process_site                    RCSB 
_pdbx_database_status.SG_entry                        . 
_pdbx_database_status.pdb_format_compatible           Y 
_pdbx_database_status.status_code_mr                  ? 
_pdbx_database_status.status_code_sf                  ? 
_pdbx_database_status.status_code_cs                  ? 
_pdbx_database_status.methods_development_category    ? 
_pdbx_database_status.status_code_nmr_data            ? 
# 
loop_
_audit_author.name 
_audit_author.pdbx_ordinal 
'Neidle, S.'    1 
'Simpson, I.J.' 2 
# 
_citation.id                        primary 
_citation.title                     'A thermodynamic and structural analysis of DNA minor-groove complex formation.' 
_citation.journal_abbrev            J.Mol.Biol. 
_citation.journal_volume            300 
_citation.page_first                321 
_citation.page_last                 337 
_citation.year                      2000 
_citation.journal_id_ASTM           JMOBAK 
_citation.country                   UK 
_citation.journal_id_ISSN           0022-2836 
_citation.journal_id_CSD            0070 
_citation.book_publisher            ? 
_citation.pdbx_database_id_PubMed   10873468 
_citation.pdbx_database_id_DOI      10.1006/jmbi.2000.3869 
# 
loop_
_citation_author.citation_id 
_citation_author.name 
_citation_author.ordinal 
_citation_author.identifier_ORCID 
primary 'Mazur, S.'     1 ? 
primary 'Tanious, F.A.' 2 ? 
primary 'Ding, D.'      3 ? 
primary 'Kumar, A.'     4 ? 
primary 'Boykin, D.W.'  5 ? 
primary 'Simpson, I.J.' 6 ? 
primary 'Neidle, S.'    7 ? 
primary 'Wilson, W.D.'  8 ? 
# 
loop_
_entity.id 
_entity.type 
_entity.src_method 
_entity.pdbx_description 
_entity.formula_weight 
_entity.pdbx_number_of_molecules 
_entity.pdbx_ec 
_entity.pdbx_mutation 
_entity.pdbx_fragment 
_entity.details 
1 polymer     syn "5'-D(*CP*GP*CP*GP*AP*AP*TP*TP*CP*GP*CP*G)-3'"                             3663.392 2  ? ? ? ? 
2 non-polymer syn '2,5-BIS-[4-[CYCLOPENTA-1,3-DIEN-5-YLAMINO-1-AMINOMETHYL]-PHEN-1-YL]FURAN' 436.548  1  ? ? ? ? 
3 water       nat water                                                                      18.015   90 ? ? ? ? 
# 
_entity_poly.entity_id                      1 
_entity_poly.type                           polydeoxyribonucleotide 
_entity_poly.nstd_linkage                   no 
_entity_poly.nstd_monomer                   no 
_entity_poly.pdbx_seq_one_letter_code       '(DC)(DG)(DC)(DG)(DA)(DA)(DT)(DT)(DC)(DG)(DC)(DG)' 
_entity_poly.pdbx_seq_one_letter_code_can   CGCGAATTCGCG 
_entity_poly.pdbx_strand_id                 A,B 
_entity_poly.pdbx_target_identifier         ? 
# 
loop_
_pdbx_entity_nonpoly.entity_id 
_pdbx_entity_nonpoly.name 
_pdbx_entity_nonpoly.comp_id 
2 '2,5-BIS-[4-[CYCLOPENTA-1,3-DIEN-5-YLAMINO-1-AMINOMETHYL]-PHEN-1-YL]FURAN' D24 
3 water                                                                      HOH 
# 
loop_
_entity_poly_seq.entity_id 
_entity_poly_seq.num 
_entity_poly_seq.mon_id 
_entity_poly_seq.hetero 
1 1  DC n 
1 2  DG n 
1 3  DC n 
1 4  DG n 
1 5  DA n 
1 6  DA n 
1 7  DT n 
1 8  DT n 
1 9  DC n 
1 10 DG n 
1 11 DC n 
1 12 DG n 
# 
loop_
_chem_comp.id 
_chem_comp.type 
_chem_comp.mon_nstd_flag 
_chem_comp.name 
_chem_comp.pdbx_synonyms 
_chem_comp.formula 
_chem_comp.formula_weight 
D24 non-polymer   . '2,5-BIS-[4-[CYCLOPENTA-1,3-DIEN-5-YLAMINO-1-AMINOMETHYL]-PHEN-1-YL]FURAN' ? 'C28 H28 N4 O'    436.548 
DA  'DNA linking' y "2'-DEOXYADENOSINE-5'-MONOPHOSPHATE"                                       ? 'C10 H14 N5 O6 P' 331.222 
DC  'DNA linking' y "2'-DEOXYCYTIDINE-5'-MONOPHOSPHATE"                                        ? 'C9 H14 N3 O7 P'  307.197 
DG  'DNA linking' y "2'-DEOXYGUANOSINE-5'-MONOPHOSPHATE"                                       ? 'C10 H14 N5 O7 P' 347.221 
DT  'DNA linking' y "THYMIDINE-5'-MONOPHOSPHATE"                                               ? 'C10 H15 N2 O8 P' 322.208 
HOH non-polymer   . WATER                                                                      ? 'H2 O'            18.015  
# 
loop_
_pdbx_poly_seq_scheme.asym_id 
_pdbx_poly_seq_scheme.entity_id 
_pdbx_poly_seq_scheme.seq_id 
_pdbx_poly_seq_scheme.mon_id 
_pdbx_poly_seq_scheme.ndb_seq_num 
_pdbx_poly_seq_scheme.pdb_seq_num 
_pdbx_poly_seq_scheme.auth_seq_num 
_pdbx_poly_seq_scheme.pdb_mon_id 
_pdbx_poly_seq_scheme.auth_mon_id 
_pdbx_poly_seq_scheme.pdb_strand_id 
_pdbx_poly_seq_scheme.pdb_ins_code 
_pdbx_poly_seq_scheme.hetero 
A 1 1  DC 1  1  1  DC C A . n 
A 1 2  DG 2  2  2  DG G A . n 
A 1 3  DC 3  3  3  DC C A . n 
A 1 4  DG 4  4  4  DG G A . n 
A 1 5  DA 5  5  5  DA A A . n 
A 1 6  DA 6  6  6  DA A A . n 
A 1 7  DT 7  7  7  DT T A . n 
A 1 8  DT 8  8  8  DT T A . n 
A 1 9  DC 9  9  9  DC C A . n 
A 1 10 DG 10 10 10 DG G A . n 
A 1 11 DC 11 11 11 DC C A . n 
A 1 12 DG 12 12 12 DG G A . n 
B 1 1  DC 1  13 13 DC C B . n 
B 1 2  DG 2  14 14 DG G B . n 
B 1 3  DC 3  15 15 DC C B . n 
B 1 4  DG 4  16 16 DG G B . n 
B 1 5  DA 5  17 17 DA A B . n 
B 1 6  DA 6  18 18 DA A B . n 
B 1 7  DT 7  19 19 DT T B . n 
B 1 8  DT 8  20 20 DT T B . n 
B 1 9  DC 9  21 21 DC C B . n 
B 1 10 DG 10 22 22 DG G B . n 
B 1 11 DC 11 23 23 DC C B . n 
B 1 12 DG 12 24 24 DG G B . n 
# 
loop_
_pdbx_nonpoly_scheme.asym_id 
_pdbx_nonpoly_scheme.entity_id 
_pdbx_nonpoly_scheme.mon_id 
_pdbx_nonpoly_scheme.ndb_seq_num 
_pdbx_nonpoly_scheme.pdb_seq_num 
_pdbx_nonpoly_scheme.auth_seq_num 
_pdbx_nonpoly_scheme.pdb_mon_id 
_pdbx_nonpoly_scheme.auth_mon_id 
_pdbx_nonpoly_scheme.pdb_strand_id 
_pdbx_nonpoly_scheme.pdb_ins_code 
C 2 D24 1  25  25  D24 D24 B . 
D 3 HOH 1  26  26  HOH H2O A . 
D 3 HOH 2  29  29  HOH H2O A . 
D 3 HOH 3  31  31  HOH H2O A . 
D 3 HOH 4  32  32  HOH H2O A . 
D 3 HOH 5  33  33  HOH H2O A . 
D 3 HOH 6  36  36  HOH H2O A . 
D 3 HOH 7  37  37  HOH H2O A . 
D 3 HOH 8  38  38  HOH H2O A . 
D 3 HOH 9  40  40  HOH H2O A . 
D 3 HOH 10 44  44  HOH H2O A . 
D 3 HOH 11 45  45  HOH H2O A . 
D 3 HOH 12 48  48  HOH H2O A . 
D 3 HOH 13 49  49  HOH H2O A . 
D 3 HOH 14 50  50  HOH H2O A . 
D 3 HOH 15 52  52  HOH H2O A . 
D 3 HOH 16 54  54  HOH H2O A . 
D 3 HOH 17 56  56  HOH H2O A . 
D 3 HOH 18 59  59  HOH H2O A . 
D 3 HOH 19 61  61  HOH H2O A . 
D 3 HOH 20 62  62  HOH H2O A . 
D 3 HOH 21 63  63  HOH H2O A . 
D 3 HOH 22 66  66  HOH H2O A . 
D 3 HOH 23 67  67  HOH H2O A . 
D 3 HOH 24 71  71  HOH H2O A . 
D 3 HOH 25 72  72  HOH H2O A . 
D 3 HOH 26 74  74  HOH H2O A . 
D 3 HOH 27 75  75  HOH H2O A . 
D 3 HOH 28 76  76  HOH H2O A . 
D 3 HOH 29 79  79  HOH H2O A . 
D 3 HOH 30 82  82  HOH H2O A . 
D 3 HOH 31 85  85  HOH H2O A . 
D 3 HOH 32 88  88  HOH H2O A . 
D 3 HOH 33 89  89  HOH H2O A . 
D 3 HOH 34 90  90  HOH H2O A . 
D 3 HOH 35 91  91  HOH H2O A . 
D 3 HOH 36 92  92  HOH H2O A . 
D 3 HOH 37 97  97  HOH H2O A . 
D 3 HOH 38 98  98  HOH H2O A . 
D 3 HOH 39 99  99  HOH H2O A . 
D 3 HOH 40 101 101 HOH H2O A . 
D 3 HOH 41 102 102 HOH H2O A . 
D 3 HOH 42 105 105 HOH H2O A . 
D 3 HOH 43 107 107 HOH H2O A . 
D 3 HOH 44 108 108 HOH H2O A . 
D 3 HOH 45 109 109 HOH H2O A . 
D 3 HOH 46 112 112 HOH H2O A . 
D 3 HOH 47 115 115 HOH H2O A . 
E 3 HOH 1  27  27  HOH H2O B . 
E 3 HOH 2  28  28  HOH H2O B . 
E 3 HOH 3  30  30  HOH H2O B . 
E 3 HOH 4  34  34  HOH H2O B . 
E 3 HOH 5  35  35  HOH H2O B . 
E 3 HOH 6  39  39  HOH H2O B . 
E 3 HOH 7  41  41  HOH H2O B . 
E 3 HOH 8  42  42  HOH H2O B . 
E 3 HOH 9  43  43  HOH H2O B . 
E 3 HOH 10 46  46  HOH H2O B . 
E 3 HOH 11 47  47  HOH H2O B . 
E 3 HOH 12 51  51  HOH H2O B . 
E 3 HOH 13 53  53  HOH H2O B . 
E 3 HOH 14 55  55  HOH H2O B . 
E 3 HOH 15 57  57  HOH H2O B . 
E 3 HOH 16 58  58  HOH H2O B . 
E 3 HOH 17 60  60  HOH H2O B . 
E 3 HOH 18 64  64  HOH H2O B . 
E 3 HOH 19 65  65  HOH H2O B . 
E 3 HOH 20 68  68  HOH H2O B . 
E 3 HOH 21 69  69  HOH H2O B . 
E 3 HOH 22 70  70  HOH H2O B . 
E 3 HOH 23 73  73  HOH H2O B . 
E 3 HOH 24 77  77  HOH H2O B . 
E 3 HOH 25 78  78  HOH H2O B . 
E 3 HOH 26 80  80  HOH H2O B . 
E 3 HOH 27 81  81  HOH H2O B . 
E 3 HOH 28 83  83  HOH H2O B . 
E 3 HOH 29 84  84  HOH H2O B . 
E 3 HOH 30 86  86  HOH H2O B . 
E 3 HOH 31 87  87  HOH H2O B . 
E 3 HOH 32 93  93  HOH H2O B . 
E 3 HOH 33 94  94  HOH H2O B . 
E 3 HOH 34 95  95  HOH H2O B . 
E 3 HOH 35 96  96  HOH H2O B . 
E 3 HOH 36 100 100 HOH H2O B . 
E 3 HOH 37 103 103 HOH H2O B . 
E 3 HOH 38 104 104 HOH H2O B . 
E 3 HOH 39 106 106 HOH H2O B . 
E 3 HOH 40 111 111 HOH H2O B . 
E 3 HOH 41 113 113 HOH H2O B . 
E 3 HOH 42 114 114 HOH H2O B . 
E 3 HOH 43 116 116 HOH H2O B . 
# 
loop_
_software.name 
_software.classification 
_software.version 
_software.citation_id 
_software.pdbx_ordinal 
DENZO     'data reduction' . ? 1 
SCALEPACK 'data scaling'   . ? 2 
SHELXL-97 refinement       . ? 3 
# 
_cell.entry_id           1EEL 
_cell.length_a           25.7 
_cell.length_b           40.73 
_cell.length_c           66.38 
_cell.angle_alpha        90.0 
_cell.angle_beta         90.0 
_cell.angle_gamma        90.0 
_cell.Z_PDB              8 
_cell.pdbx_unique_axis   ? 
# 
_symmetry.entry_id                         1EEL 
_symmetry.space_group_name_H-M             'P 21 21 21' 
_symmetry.pdbx_full_space_group_name_H-M   ? 
_symmetry.cell_setting                     orthorhombic 
_symmetry.Int_Tables_number                19 
_symmetry.space_group_name_Hall            ? 
# 
_exptl.entry_id          1EEL 
_exptl.method            'X-RAY DIFFRACTION' 
_exptl.crystals_number   1 
# 
_exptl_crystal.id                    1 
_exptl_crystal.density_meas          ? 
_exptl_crystal.density_percent_sol   48.12 
_exptl_crystal.density_Matthews      2.37 
_exptl_crystal.description           ? 
_exptl_crystal.F_000                 ? 
_exptl_crystal.preparation           ? 
# 
_exptl_crystal_grow.crystal_id      1 
_exptl_crystal_grow.method          'VAPOR DIFFUSION, HANGING DROP' 
_exptl_crystal_grow.temp            293 
_exptl_crystal_grow.temp_details    ? 
_exptl_crystal_grow.pH              7 
_exptl_crystal_grow.pdbx_details    
;MPD 3 UL OF 25%, MGCL2 2UL OF 90MM, SPERMINE 1UL OF 10MM, DNA 2UL OF 2MM, LIGAND 2UL OF 3MM, MPD IN RESERVOIR 1ML OF 30%, pH 7, VAPOR DIFFUSION, HANGING DROP, temperature 293K
;
_exptl_crystal_grow.pdbx_pH_range   . 
# 
loop_
_exptl_crystal_grow_comp.crystal_id 
_exptl_crystal_grow_comp.id 
_exptl_crystal_grow_comp.sol_id 
_exptl_crystal_grow_comp.name 
_exptl_crystal_grow_comp.volume 
_exptl_crystal_grow_comp.conc 
_exptl_crystal_grow_comp.details 
1 1 1 MGCL2    ? ? ? 
1 2 1 SPERMINE ? ? ? 
1 3 1 MPD      ? ? ? 
1 4 2 MPD      ? ? ? 
# 
_diffrn.id                     1 
_diffrn.ambient_temp           293 
_diffrn.ambient_temp_details   ? 
_diffrn.crystal_id             1 
# 
_diffrn_detector.diffrn_id              1 
_diffrn_detector.detector               'IMAGE PLATE' 
_diffrn_detector.type                   'RIGAKU RAXIS IIC' 
_diffrn_detector.pdbx_collection_date   1998-10-20 
_diffrn_detector.details                'YALE FOCUSSING MIRRORS' 
# 
_diffrn_radiation.diffrn_id                        1 
_diffrn_radiation.wavelength_id                    1 
_diffrn_radiation.pdbx_monochromatic_or_laue_m_l   M 
_diffrn_radiation.monochromator                    Y 
_diffrn_radiation.pdbx_diffrn_protocol             'SINGLE WAVELENGTH' 
_diffrn_radiation.pdbx_scattering_type             x-ray 
# 
_diffrn_radiation_wavelength.id           1 
_diffrn_radiation_wavelength.wavelength   1.5418 
_diffrn_radiation_wavelength.wt           1.0 
# 
_diffrn_source.diffrn_id                   1 
_diffrn_source.source                      'ROTATING ANODE' 
_diffrn_source.type                        'RIGAKU RU200' 
_diffrn_source.pdbx_synchrotron_site       ? 
_diffrn_source.pdbx_synchrotron_beamline   ? 
_diffrn_source.pdbx_wavelength             1.5418 
_diffrn_source.pdbx_wavelength_list        ? 
# 
_reflns.entry_id                     1EEL 
_reflns.observed_criterion_sigma_I   1.0 
_reflns.observed_criterion_sigma_F   2.0 
_reflns.d_resolution_low             12 
_reflns.d_resolution_high            2.40 
_reflns.number_obs                   3105 
_reflns.number_all                   ? 
_reflns.percent_possible_obs         94.3 
_reflns.pdbx_Rmerge_I_obs            0.033 
_reflns.pdbx_Rsym_value              ? 
_reflns.pdbx_netI_over_sigmaI        9.6 
_reflns.B_iso_Wilson_estimate        ? 
_reflns.pdbx_redundancy              6 
_reflns.R_free_details               ? 
_reflns.pdbx_chi_squared             ? 
_reflns.pdbx_scaling_rejects         ? 
_reflns.pdbx_diffrn_id               1 
_reflns.pdbx_ordinal                 1 
# 
_refine.entry_id                                 1EEL 
_refine.ls_number_reflns_obs                     ? 
_refine.ls_number_reflns_all                     3105 
_refine.pdbx_ls_sigma_I                          1.0 
_refine.pdbx_ls_sigma_F                          2.0 
_refine.pdbx_data_cutoff_high_absF               ? 
_refine.pdbx_data_cutoff_low_absF                ? 
_refine.pdbx_data_cutoff_high_rms_absF           ? 
_refine.ls_d_res_low                             8.0 
_refine.ls_d_res_high                            2.40 
_refine.ls_percent_reflns_obs                    ? 
_refine.ls_R_factor_obs                          0.184 
_refine.ls_R_factor_all                          ? 
_refine.ls_R_factor_R_work                       ? 
_refine.ls_R_factor_R_free                       0.227 
_refine.ls_R_factor_R_free_error                 ? 
_refine.ls_R_factor_R_free_error_details         ? 
_refine.ls_percent_reflns_R_free                 ? 
_refine.ls_number_reflns_R_free                  ? 
_refine.ls_number_parameters                     ? 
_refine.ls_number_restraints                     ? 
_refine.occupancy_min                            ? 
_refine.occupancy_max                            ? 
_refine.B_iso_mean                               ? 
_refine.aniso_B[1][1]                            ? 
_refine.aniso_B[2][2]                            ? 
_refine.aniso_B[3][3]                            ? 
_refine.aniso_B[1][2]                            ? 
_refine.aniso_B[1][3]                            ? 
_refine.aniso_B[2][3]                            ? 
_refine.solvent_model_details                    ? 
_refine.solvent_model_param_ksol                 ? 
_refine.solvent_model_param_bsol                 ? 
_refine.pdbx_ls_cross_valid_method               THROUGHOUT 
_refine.details                                  'USED SHELX-97 PROCEDURE' 
_refine.pdbx_starting_model                      'DNA PART OF NDB STRUCTURE GDL044' 
_refine.pdbx_method_to_determine_struct          'MOLECULAR REPLACEMENT' 
_refine.pdbx_isotropic_thermal_model             ? 
_refine.pdbx_stereochemistry_target_values       'PARKINSON ET AL.' 
_refine.pdbx_stereochem_target_val_spec_case     ? 
_refine.pdbx_R_Free_selection_details            RANDOM 
_refine.pdbx_overall_ESU_R                       ? 
_refine.pdbx_overall_ESU_R_Free                  ? 
_refine.overall_SU_ML                            ? 
_refine.overall_SU_B                             ? 
_refine.ls_redundancy_reflns_obs                 ? 
_refine.correlation_coeff_Fo_to_Fc               ? 
_refine.correlation_coeff_Fo_to_Fc_free          ? 
_refine.overall_SU_R_Cruickshank_DPI             ? 
_refine.overall_SU_R_free                        ? 
_refine.pdbx_solvent_vdw_probe_radii             ? 
_refine.pdbx_solvent_ion_probe_radii             ? 
_refine.pdbx_solvent_shrinkage_radii             ? 
_refine.ls_wR_factor_R_free                      ? 
_refine.ls_wR_factor_R_work                      ? 
_refine.overall_FOM_free_R_set                   ? 
_refine.overall_FOM_work_R_set                   ? 
_refine.pdbx_refine_id                           'X-RAY DIFFRACTION' 
_refine.pdbx_diffrn_id                           1 
_refine.pdbx_TLS_residual_ADP_flag               ? 
_refine.pdbx_overall_phase_error                 ? 
_refine.pdbx_overall_SU_R_free_Cruickshank_DPI   ? 
_refine.pdbx_overall_SU_R_Blow_DPI               ? 
_refine.pdbx_overall_SU_R_free_Blow_DPI          ? 
# 
_refine_hist.pdbx_refine_id                   'X-RAY DIFFRACTION' 
_refine_hist.cycle_id                         LAST 
_refine_hist.pdbx_number_atoms_protein        0 
_refine_hist.pdbx_number_atoms_nucleic_acid   486 
_refine_hist.pdbx_number_atoms_ligand         33 
_refine_hist.number_atoms_solvent             91 
_refine_hist.number_atoms_total               610 
_refine_hist.d_res_high                       2.40 
_refine_hist.d_res_low                        8.0 
# 
loop_
_refine_ls_restr.type 
_refine_ls_restr.dev_ideal 
_refine_ls_restr.dev_ideal_target 
_refine_ls_restr.weight 
_refine_ls_restr.number 
_refine_ls_restr.pdbx_refine_id 
_refine_ls_restr.pdbx_restraint_function 
s_bond_d               0.020 ? ? ? 'X-RAY DIFFRACTION' ? 
s_angle_d              0.012 ? ? ? 'X-RAY DIFFRACTION' ? 
s_similar_dist         ?     ? ? ? 'X-RAY DIFFRACTION' ? 
s_from_restr_planes    ?     ? ? ? 'X-RAY DIFFRACTION' ? 
s_zero_chiral_vol      ?     ? ? ? 'X-RAY DIFFRACTION' ? 
s_non_zero_chiral_vol  ?     ? ? ? 'X-RAY DIFFRACTION' ? 
s_anti_bump_dis_restr  ?     ? ? ? 'X-RAY DIFFRACTION' ? 
s_rigid_bond_adp_cmpnt ?     ? ? ? 'X-RAY DIFFRACTION' ? 
s_similar_adp_cmpnt    ?     ? ? ? 'X-RAY DIFFRACTION' ? 
s_approx_iso_adps      ?     ? ? ? 'X-RAY DIFFRACTION' ? 
# 
_struct.entry_id                  1EEL 
_struct.title                     
'STRUCTURE OF A COMPLEX BETWEEN THE DNA SEQUENCE DCGCGAATTCGCG AND BIS[PIPERIDINO-ETHYL]-FURAMIDINE' 
_struct.pdbx_model_details        ? 
_struct.pdbx_CASP_flag            ? 
_struct.pdbx_model_type_details   ? 
# 
_struct_keywords.entry_id        1EEL 
_struct_keywords.pdbx_keywords   DNA 
_struct_keywords.text            'MINOR GROOVE BINDING LIGAND, B-DNA, BULKY SIDE-CHAINS, DNA' 
# 
loop_
_struct_asym.id 
_struct_asym.pdbx_blank_PDB_chainid_flag 
_struct_asym.pdbx_modified 
_struct_asym.entity_id 
_struct_asym.details 
A N N 1 ? 
B N N 1 ? 
C N N 2 ? 
D N N 3 ? 
E N N 3 ? 
# 
_struct_ref.id                         1 
_struct_ref.entity_id                  1 
_struct_ref.db_name                    PDB 
_struct_ref.db_code                    1EEL 
_struct_ref.pdbx_db_accession          1EEL 
_struct_ref.pdbx_db_isoform            ? 
_struct_ref.pdbx_seq_one_letter_code   ? 
_struct_ref.pdbx_align_begin           ? 
# 
loop_
_struct_ref_seq.align_id 
_struct_ref_seq.ref_id 
_struct_ref_seq.pdbx_PDB_id_code 
_struct_ref_seq.pdbx_strand_id 
_struct_ref_seq.seq_align_beg 
_struct_ref_seq.pdbx_seq_align_beg_ins_code 
_struct_ref_seq.seq_align_end 
_struct_ref_seq.pdbx_seq_align_end_ins_code 
_struct_ref_seq.pdbx_db_accession 
_struct_ref_seq.db_align_beg 
_struct_ref_seq.pdbx_db_align_beg_ins_code 
_struct_ref_seq.db_align_end 
_struct_ref_seq.pdbx_db_align_end_ins_code 
_struct_ref_seq.pdbx_auth_seq_align_beg 
_struct_ref_seq.pdbx_auth_seq_align_end 
1 1 1EEL A 1 ? 12 ? 1EEL 1  ? 12 ? 1  12 
2 1 1EEL B 1 ? 12 ? 1EEL 13 ? 24 ? 13 24 
# 
_pdbx_struct_assembly.id                   1 
_pdbx_struct_assembly.details              author_defined_assembly 
_pdbx_struct_assembly.method_details       ? 
_pdbx_struct_assembly.oligomeric_details   dimeric 
_pdbx_struct_assembly.oligomeric_count     2 
# 
_pdbx_struct_assembly_gen.assembly_id       1 
_pdbx_struct_assembly_gen.oper_expression   1 
_pdbx_struct_assembly_gen.asym_id_list      A,B,C,D,E 
# 
_pdbx_struct_oper_list.id                   1 
_pdbx_struct_oper_list.type                 'identity operation' 
_pdbx_struct_oper_list.name                 1_555 
_pdbx_struct_oper_list.symmetry_operation   x,y,z 
_pdbx_struct_oper_list.matrix[1][1]         1.0000000000 
_pdbx_struct_oper_list.matrix[1][2]         0.0000000000 
_pdbx_struct_oper_list.matrix[1][3]         0.0000000000 
_pdbx_struct_oper_list.vector[1]            0.0000000000 
_pdbx_struct_oper_list.matrix[2][1]         0.0000000000 
_pdbx_struct_oper_list.matrix[2][2]         1.0000000000 
_pdbx_struct_oper_list.matrix[2][3]         0.0000000000 
_pdbx_struct_oper_list.vector[2]            0.0000000000 
_pdbx_struct_oper_list.matrix[3][1]         0.0000000000 
_pdbx_struct_oper_list.matrix[3][2]         0.0000000000 
_pdbx_struct_oper_list.matrix[3][3]         1.0000000000 
_pdbx_struct_oper_list.vector[3]            0.0000000000 
# 
_struct_biol.id                    1 
_struct_biol.pdbx_parent_biol_id   ? 
_struct_biol.details               ? 
# 
loop_
_struct_conn.id 
_struct_conn.conn_type_id 
_struct_conn.pdbx_leaving_atom_flag 
_struct_conn.pdbx_PDB_id 
_struct_conn.ptnr1_label_asym_id 
_struct_conn.ptnr1_label_comp_id 
_struct_conn.ptnr1_label_seq_id 
_struct_conn.ptnr1_label_atom_id 
_struct_conn.pdbx_ptnr1_label_alt_id 
_struct_conn.pdbx_ptnr1_PDB_ins_code 
_struct_conn.pdbx_ptnr1_standard_comp_id 
_struct_conn.ptnr1_symmetry 
_struct_conn.ptnr2_label_asym_id 
_struct_conn.ptnr2_label_comp_id 
_struct_conn.ptnr2_label_seq_id 
_struct_conn.ptnr2_label_atom_id 
_struct_conn.pdbx_ptnr2_label_alt_id 
_struct_conn.pdbx_ptnr2_PDB_ins_code 
_struct_conn.ptnr1_auth_asym_id 
_struct_conn.ptnr1_auth_comp_id 
_struct_conn.ptnr1_auth_seq_id 
_struct_conn.ptnr2_auth_asym_id 
_struct_conn.ptnr2_auth_comp_id 
_struct_conn.ptnr2_auth_seq_id 
_struct_conn.ptnr2_symmetry 
_struct_conn.pdbx_ptnr3_label_atom_id 
_struct_conn.pdbx_ptnr3_label_seq_id 
_struct_conn.pdbx_ptnr3_label_comp_id 
_struct_conn.pdbx_ptnr3_label_asym_id 
_struct_conn.pdbx_ptnr3_label_alt_id 
_struct_conn.pdbx_ptnr3_PDB_ins_code 
_struct_conn.details 
_struct_conn.pdbx_dist_value 
_struct_conn.pdbx_value_order 
_struct_conn.pdbx_role 
hydrog1  hydrog ? ? A DC 1  N3 ? ? ? 1_555 B DG 12 N1 ? ? A DC 1  B DG 24 1_555 ? ? ? ? ? ? WATSON-CRICK ? ? ? 
hydrog2  hydrog ? ? A DC 1  N4 ? ? ? 1_555 B DG 12 O6 ? ? A DC 1  B DG 24 1_555 ? ? ? ? ? ? WATSON-CRICK ? ? ? 
hydrog3  hydrog ? ? A DC 1  O2 ? ? ? 1_555 B DG 12 N2 ? ? A DC 1  B DG 24 1_555 ? ? ? ? ? ? WATSON-CRICK ? ? ? 
hydrog4  hydrog ? ? A DG 2  N1 ? ? ? 1_555 B DC 11 N3 ? ? A DG 2  B DC 23 1_555 ? ? ? ? ? ? WATSON-CRICK ? ? ? 
hydrog5  hydrog ? ? A DG 2  N2 ? ? ? 1_555 B DC 11 O2 ? ? A DG 2  B DC 23 1_555 ? ? ? ? ? ? WATSON-CRICK ? ? ? 
hydrog6  hydrog ? ? A DG 2  O6 ? ? ? 1_555 B DC 11 N4 ? ? A DG 2  B DC 23 1_555 ? ? ? ? ? ? WATSON-CRICK ? ? ? 
hydrog7  hydrog ? ? A DC 3  N3 ? ? ? 1_555 B DG 10 N1 ? ? A DC 3  B DG 22 1_555 ? ? ? ? ? ? WATSON-CRICK ? ? ? 
hydrog8  hydrog ? ? A DC 3  N4 ? ? ? 1_555 B DG 10 O6 ? ? A DC 3  B DG 22 1_555 ? ? ? ? ? ? WATSON-CRICK ? ? ? 
hydrog9  hydrog ? ? A DC 3  O2 ? ? ? 1_555 B DG 10 N2 ? ? A DC 3  B DG 22 1_555 ? ? ? ? ? ? WATSON-CRICK ? ? ? 
hydrog10 hydrog ? ? A DG 4  N1 ? ? ? 1_555 B DC 9  N3 ? ? A DG 4  B DC 21 1_555 ? ? ? ? ? ? WATSON-CRICK ? ? ? 
hydrog11 hydrog ? ? A DG 4  N2 ? ? ? 1_555 B DC 9  O2 ? ? A DG 4  B DC 21 1_555 ? ? ? ? ? ? WATSON-CRICK ? ? ? 
hydrog12 hydrog ? ? A DG 4  O6 ? ? ? 1_555 B DC 9  N4 ? ? A DG 4  B DC 21 1_555 ? ? ? ? ? ? WATSON-CRICK ? ? ? 
hydrog13 hydrog ? ? A DA 5  N1 ? ? ? 1_555 B DT 8  N3 ? ? A DA 5  B DT 20 1_555 ? ? ? ? ? ? WATSON-CRICK ? ? ? 
hydrog14 hydrog ? ? A DA 5  N6 ? ? ? 1_555 B DT 8  O4 ? ? A DA 5  B DT 20 1_555 ? ? ? ? ? ? WATSON-CRICK ? ? ? 
hydrog15 hydrog ? ? A DA 6  N1 ? ? ? 1_555 B DT 7  N3 ? ? A DA 6  B DT 19 1_555 ? ? ? ? ? ? WATSON-CRICK ? ? ? 
hydrog16 hydrog ? ? A DA 6  N6 ? ? ? 1_555 B DT 7  O4 ? ? A DA 6  B DT 19 1_555 ? ? ? ? ? ? WATSON-CRICK ? ? ? 
hydrog17 hydrog ? ? A DT 7  N3 ? ? ? 1_555 B DA 6  N1 ? ? A DT 7  B DA 18 1_555 ? ? ? ? ? ? WATSON-CRICK ? ? ? 
hydrog18 hydrog ? ? A DT 7  O4 ? ? ? 1_555 B DA 6  N6 ? ? A DT 7  B DA 18 1_555 ? ? ? ? ? ? WATSON-CRICK ? ? ? 
hydrog19 hydrog ? ? A DT 8  N3 ? ? ? 1_555 B DA 5  N1 ? ? A DT 8  B DA 17 1_555 ? ? ? ? ? ? WATSON-CRICK ? ? ? 
hydrog20 hydrog ? ? A DT 8  O4 ? ? ? 1_555 B DA 5  N6 ? ? A DT 8  B DA 17 1_555 ? ? ? ? ? ? WATSON-CRICK ? ? ? 
hydrog21 hydrog ? ? A DC 9  N3 ? ? ? 1_555 B DG 4  N1 ? ? A DC 9  B DG 16 1_555 ? ? ? ? ? ? WATSON-CRICK ? ? ? 
hydrog22 hydrog ? ? A DC 9  N4 ? ? ? 1_555 B DG 4  O6 ? ? A DC 9  B DG 16 1_555 ? ? ? ? ? ? WATSON-CRICK ? ? ? 
hydrog23 hydrog ? ? A DC 9  O2 ? ? ? 1_555 B DG 4  N2 ? ? A DC 9  B DG 16 1_555 ? ? ? ? ? ? WATSON-CRICK ? ? ? 
hydrog24 hydrog ? ? A DG 10 N1 ? ? ? 1_555 B DC 3  N3 ? ? A DG 10 B DC 15 1_555 ? ? ? ? ? ? WATSON-CRICK ? ? ? 
hydrog25 hydrog ? ? A DG 10 N2 ? ? ? 1_555 B DC 3  O2 ? ? A DG 10 B DC 15 1_555 ? ? ? ? ? ? WATSON-CRICK ? ? ? 
hydrog26 hydrog ? ? A DG 10 O6 ? ? ? 1_555 B DC 3  N4 ? ? A DG 10 B DC 15 1_555 ? ? ? ? ? ? WATSON-CRICK ? ? ? 
hydrog27 hydrog ? ? A DC 11 N3 ? ? ? 1_555 B DG 2  N1 ? ? A DC 11 B DG 14 1_555 ? ? ? ? ? ? WATSON-CRICK ? ? ? 
hydrog28 hydrog ? ? A DC 11 N4 ? ? ? 1_555 B DG 2  O6 ? ? A DC 11 B DG 14 1_555 ? ? ? ? ? ? WATSON-CRICK ? ? ? 
hydrog29 hydrog ? ? A DC 11 O2 ? ? ? 1_555 B DG 2  N2 ? ? A DC 11 B DG 14 1_555 ? ? ? ? ? ? WATSON-CRICK ? ? ? 
hydrog30 hydrog ? ? A DG 12 N1 ? ? ? 1_555 B DC 1  N3 ? ? A DG 12 B DC 13 1_555 ? ? ? ? ? ? WATSON-CRICK ? ? ? 
hydrog31 hydrog ? ? A DG 12 N2 ? ? ? 1_555 B DC 1  O2 ? ? A DG 12 B DC 13 1_555 ? ? ? ? ? ? WATSON-CRICK ? ? ? 
hydrog32 hydrog ? ? A DG 12 O6 ? ? ? 1_555 B DC 1  N4 ? ? A DG 12 B DC 13 1_555 ? ? ? ? ? ? WATSON-CRICK ? ? ? 
# 
_struct_conn_type.id          hydrog 
_struct_conn_type.criteria    ? 
_struct_conn_type.reference   ? 
# 
loop_
_struct_site.id 
_struct_site.pdbx_evidence_code 
_struct_site.pdbx_auth_asym_id 
_struct_site.pdbx_auth_comp_id 
_struct_site.pdbx_auth_seq_id 
_struct_site.pdbx_auth_ins_code 
_struct_site.pdbx_num_residues 
_struct_site.details 
AC1 Software B D24 25 ? 13 'BINDING SITE FOR RESIDUE D24 B 25' 
1   ?        ? ?   ?  ? ?  ?                                   
# 
loop_
_struct_site_gen.id 
_struct_site_gen.site_id 
_struct_site_gen.pdbx_num_res 
_struct_site_gen.label_comp_id 
_struct_site_gen.label_asym_id 
_struct_site_gen.label_seq_id 
_struct_site_gen.pdbx_auth_ins_code 
_struct_site_gen.auth_comp_id 
_struct_site_gen.auth_asym_id 
_struct_site_gen.auth_seq_id 
_struct_site_gen.label_atom_id 
_struct_site_gen.label_alt_id 
_struct_site_gen.symmetry 
_struct_site_gen.details 
1  AC1 13 DA  A 6 ? DA  A 6   . ? 1_555 ? 
2  AC1 13 DT  A 7 ? DT  A 7   . ? 1_555 ? 
3  AC1 13 DT  A 8 ? DT  A 8   . ? 1_555 ? 
4  AC1 13 DC  A 9 ? DC  A 9   . ? 1_555 ? 
5  AC1 13 DA  B 5 ? DA  B 17  . ? 1_555 ? 
6  AC1 13 DA  B 6 ? DA  B 18  . ? 1_555 ? 
7  AC1 13 DT  B 7 ? DT  B 19  . ? 1_555 ? 
8  AC1 13 DT  B 8 ? DT  B 20  . ? 1_555 ? 
9  AC1 13 DC  B 9 ? DC  B 21  . ? 1_555 ? 
10 AC1 13 HOH E . ? HOH B 30  . ? 1_555 ? 
11 AC1 13 HOH E . ? HOH B 41  . ? 1_555 ? 
12 AC1 13 HOH E . ? HOH B 57  . ? 1_555 ? 
13 AC1 13 HOH E . ? HOH B 111 . ? 1_555 ? 
# 
loop_
_pdbx_validate_chiral.id 
_pdbx_validate_chiral.PDB_model_num 
_pdbx_validate_chiral.auth_atom_id 
_pdbx_validate_chiral.label_alt_id 
_pdbx_validate_chiral.auth_asym_id 
_pdbx_validate_chiral.auth_comp_id 
_pdbx_validate_chiral.auth_seq_id 
_pdbx_validate_chiral.PDB_ins_code 
_pdbx_validate_chiral.details 
_pdbx_validate_chiral.omega 
1 1 C7    ? B D24 25 ? PLANAR . 
2 1 "C7'" ? B D24 25 ? PLANAR . 
# 
_struct_site_keywords.site_id   1 
_struct_site_keywords.text      'MINOR GROOVE BINDER' 
# 
loop_
_chem_comp_atom.comp_id 
_chem_comp_atom.atom_id 
_chem_comp_atom.type_symbol 
_chem_comp_atom.pdbx_aromatic_flag 
_chem_comp_atom.pdbx_stereo_config 
_chem_comp_atom.pdbx_ordinal 
D24 C7     C N R 1   
D24 N2     N N N 2   
D24 N1     N N N 3   
D24 C8     C N N 4   
D24 C9     C N N 5   
D24 C10    C N N 6   
D24 C11    C N N 7   
D24 C12    C N N 8   
D24 C1     C Y N 9   
D24 C2     C Y N 10  
D24 C3     C Y N 11  
D24 C4     C Y N 12  
D24 C5     C Y N 13  
D24 C6     C Y N 14  
D24 CA     C Y N 15  
D24 O1     O Y N 16  
D24 CB     C Y N 17  
D24 "CB'"  C Y N 18  
D24 "CA'"  C Y N 19  
D24 "C1'"  C Y N 20  
D24 "C2'"  C Y N 21  
D24 "C3'"  C Y N 22  
D24 "C4'"  C Y N 23  
D24 "C5'"  C Y N 24  
D24 "C6'"  C Y N 25  
D24 "C7'"  C N S 26  
D24 "N2'"  N N N 27  
D24 "N1'"  N N N 28  
D24 "C8'"  C N N 29  
D24 "C9'"  C N N 30  
D24 CAX    C N N 31  
D24 CBX    C N N 32  
D24 CCX    C N N 33  
D24 H7     H N N 34  
D24 HN2    H N N 35  
D24 H11A   H N N 36  
D24 H12A   H N N 37  
D24 H8     H N N 38  
D24 H9     H N N 39  
D24 H10    H N N 40  
D24 H11    H N N 41  
D24 H12    H N N 42  
D24 H2     H N N 43  
D24 H3     H N N 44  
D24 H5     H N N 45  
D24 H6     H N N 46  
D24 HB     H N N 47  
D24 "HB'"  H N N 48  
D24 "H2'"  H N N 49  
D24 "H3'"  H N N 50  
D24 "H5'"  H N N 51  
D24 "H6'"  H N N 52  
D24 "H7'"  H N N 53  
D24 "HN2'" H N N 54  
D24 "H1'1" H N N 55  
D24 "H1'2" H N N 56  
D24 "H8'"  H N N 57  
D24 "H9'"  H N N 58  
D24 "H10'" H N N 59  
D24 "H11'" H N N 60  
D24 "H12'" H N N 61  
DA  OP3    O N N 62  
DA  P      P N N 63  
DA  OP1    O N N 64  
DA  OP2    O N N 65  
DA  "O5'"  O N N 66  
DA  "C5'"  C N N 67  
DA  "C4'"  C N R 68  
DA  "O4'"  O N N 69  
DA  "C3'"  C N S 70  
DA  "O3'"  O N N 71  
DA  "C2'"  C N N 72  
DA  "C1'"  C N R 73  
DA  N9     N Y N 74  
DA  C8     C Y N 75  
DA  N7     N Y N 76  
DA  C5     C Y N 77  
DA  C6     C Y N 78  
DA  N6     N N N 79  
DA  N1     N Y N 80  
DA  C2     C Y N 81  
DA  N3     N Y N 82  
DA  C4     C Y N 83  
DA  HOP3   H N N 84  
DA  HOP2   H N N 85  
DA  "H5'"  H N N 86  
DA  "H5''" H N N 87  
DA  "H4'"  H N N 88  
DA  "H3'"  H N N 89  
DA  "HO3'" H N N 90  
DA  "H2'"  H N N 91  
DA  "H2''" H N N 92  
DA  "H1'"  H N N 93  
DA  H8     H N N 94  
DA  H61    H N N 95  
DA  H62    H N N 96  
DA  H2     H N N 97  
DC  OP3    O N N 98  
DC  P      P N N 99  
DC  OP1    O N N 100 
DC  OP2    O N N 101 
DC  "O5'"  O N N 102 
DC  "C5'"  C N N 103 
DC  "C4'"  C N R 104 
DC  "O4'"  O N N 105 
DC  "C3'"  C N S 106 
DC  "O3'"  O N N 107 
DC  "C2'"  C N N 108 
DC  "C1'"  C N R 109 
DC  N1     N N N 110 
DC  C2     C N N 111 
DC  O2     O N N 112 
DC  N3     N N N 113 
DC  C4     C N N 114 
DC  N4     N N N 115 
DC  C5     C N N 116 
DC  C6     C N N 117 
DC  HOP3   H N N 118 
DC  HOP2   H N N 119 
DC  "H5'"  H N N 120 
DC  "H5''" H N N 121 
DC  "H4'"  H N N 122 
DC  "H3'"  H N N 123 
DC  "HO3'" H N N 124 
DC  "H2'"  H N N 125 
DC  "H2''" H N N 126 
DC  "H1'"  H N N 127 
DC  H41    H N N 128 
DC  H42    H N N 129 
DC  H5     H N N 130 
DC  H6     H N N 131 
DG  OP3    O N N 132 
DG  P      P N N 133 
DG  OP1    O N N 134 
DG  OP2    O N N 135 
DG  "O5'"  O N N 136 
DG  "C5'"  C N N 137 
DG  "C4'"  C N R 138 
DG  "O4'"  O N N 139 
DG  "C3'"  C N S 140 
DG  "O3'"  O N N 141 
DG  "C2'"  C N N 142 
DG  "C1'"  C N R 143 
DG  N9     N Y N 144 
DG  C8     C Y N 145 
DG  N7     N Y N 146 
DG  C5     C Y N 147 
DG  C6     C N N 148 
DG  O6     O N N 149 
DG  N1     N N N 150 
DG  C2     C N N 151 
DG  N2     N N N 152 
DG  N3     N N N 153 
DG  C4     C Y N 154 
DG  HOP3   H N N 155 
DG  HOP2   H N N 156 
DG  "H5'"  H N N 157 
DG  "H5''" H N N 158 
DG  "H4'"  H N N 159 
DG  "H3'"  H N N 160 
DG  "HO3'" H N N 161 
DG  "H2'"  H N N 162 
DG  "H2''" H N N 163 
DG  "H1'"  H N N 164 
DG  H8     H N N 165 
DG  H1     H N N 166 
DG  H21    H N N 167 
DG  H22    H N N 168 
DT  OP3    O N N 169 
DT  P      P N N 170 
DT  OP1    O N N 171 
DT  OP2    O N N 172 
DT  "O5'"  O N N 173 
DT  "C5'"  C N N 174 
DT  "C4'"  C N R 175 
DT  "O4'"  O N N 176 
DT  "C3'"  C N S 177 
DT  "O3'"  O N N 178 
DT  "C2'"  C N N 179 
DT  "C1'"  C N R 180 
DT  N1     N N N 181 
DT  C2     C N N 182 
DT  O2     O N N 183 
DT  N3     N N N 184 
DT  C4     C N N 185 
DT  O4     O N N 186 
DT  C5     C N N 187 
DT  C7     C N N 188 
DT  C6     C N N 189 
DT  HOP3   H N N 190 
DT  HOP2   H N N 191 
DT  "H5'"  H N N 192 
DT  "H5''" H N N 193 
DT  "H4'"  H N N 194 
DT  "H3'"  H N N 195 
DT  "HO3'" H N N 196 
DT  "H2'"  H N N 197 
DT  "H2''" H N N 198 
DT  "H1'"  H N N 199 
DT  H3     H N N 200 
DT  H71    H N N 201 
DT  H72    H N N 202 
DT  H73    H N N 203 
DT  H6     H N N 204 
HOH O      O N N 205 
HOH H1     H N N 206 
HOH H2     H N N 207 
# 
loop_
_chem_comp_bond.comp_id 
_chem_comp_bond.atom_id_1 
_chem_comp_bond.atom_id_2 
_chem_comp_bond.value_order 
_chem_comp_bond.pdbx_aromatic_flag 
_chem_comp_bond.pdbx_stereo_config 
_chem_comp_bond.pdbx_ordinal 
D24 C7    N2     sing N N 1   
D24 C7    N1     sing N N 2   
D24 C7    C4     sing N N 3   
D24 C7    H7     sing N N 4   
D24 N2    C8     sing N N 5   
D24 N2    HN2    sing N N 6   
D24 N1    H11A   sing N N 7   
D24 N1    H12A   sing N N 8   
D24 C8    C9     sing N N 9   
D24 C8    C12    sing N N 10  
D24 C8    H8     sing N N 11  
D24 C9    C10    doub N N 12  
D24 C9    H9     sing N N 13  
D24 C10   C11    sing N N 14  
D24 C10   H10    sing N N 15  
D24 C11   C12    doub N N 16  
D24 C11   H11    sing N N 17  
D24 C12   H12    sing N N 18  
D24 C1    C2     doub Y N 19  
D24 C1    C6     sing Y N 20  
D24 C1    CA     sing Y N 21  
D24 C2    C3     sing Y N 22  
D24 C2    H2     sing N N 23  
D24 C3    C4     doub Y N 24  
D24 C3    H3     sing N N 25  
D24 C4    C5     sing Y N 26  
D24 C5    C6     doub Y N 27  
D24 C5    H5     sing N N 28  
D24 C6    H6     sing N N 29  
D24 CA    O1     sing Y N 30  
D24 CA    CB     doub Y N 31  
D24 O1    "CA'"  sing Y N 32  
D24 CB    "CB'"  sing Y N 33  
D24 CB    HB     sing N N 34  
D24 "CB'" "CA'"  doub Y N 35  
D24 "CB'" "HB'"  sing N N 36  
D24 "CA'" "C1'"  sing Y N 37  
D24 "C1'" "C2'"  doub Y N 38  
D24 "C1'" "C6'"  sing Y N 39  
D24 "C2'" "C3'"  sing Y N 40  
D24 "C2'" "H2'"  sing N N 41  
D24 "C3'" "C4'"  doub Y N 42  
D24 "C3'" "H3'"  sing N N 43  
D24 "C4'" "C5'"  sing Y N 44  
D24 "C4'" "C7'"  sing N N 45  
D24 "C5'" "C6'"  doub Y N 46  
D24 "C5'" "H5'"  sing N N 47  
D24 "C6'" "H6'"  sing N N 48  
D24 "C7'" "N2'"  sing N N 49  
D24 "C7'" "N1'"  sing N N 50  
D24 "C7'" "H7'"  sing N N 51  
D24 "N2'" "C8'"  sing N N 52  
D24 "N2'" "HN2'" sing N N 53  
D24 "N1'" "H1'1" sing N N 54  
D24 "N1'" "H1'2" sing N N 55  
D24 "C8'" "C9'"  sing N N 56  
D24 "C8'" CCX    sing N N 57  
D24 "C8'" "H8'"  sing N N 58  
D24 "C9'" CAX    doub N N 59  
D24 "C9'" "H9'"  sing N N 60  
D24 CAX   CBX    sing N N 61  
D24 CAX   "H10'" sing N N 62  
D24 CBX   CCX    doub N N 63  
D24 CBX   "H11'" sing N N 64  
D24 CCX   "H12'" sing N N 65  
DA  OP3   P      sing N N 66  
DA  OP3   HOP3   sing N N 67  
DA  P     OP1    doub N N 68  
DA  P     OP2    sing N N 69  
DA  P     "O5'"  sing N N 70  
DA  OP2   HOP2   sing N N 71  
DA  "O5'" "C5'"  sing N N 72  
DA  "C5'" "C4'"  sing N N 73  
DA  "C5'" "H5'"  sing N N 74  
DA  "C5'" "H5''" sing N N 75  
DA  "C4'" "O4'"  sing N N 76  
DA  "C4'" "C3'"  sing N N 77  
DA  "C4'" "H4'"  sing N N 78  
DA  "O4'" "C1'"  sing N N 79  
DA  "C3'" "O3'"  sing N N 80  
DA  "C3'" "C2'"  sing N N 81  
DA  "C3'" "H3'"  sing N N 82  
DA  "O3'" "HO3'" sing N N 83  
DA  "C2'" "C1'"  sing N N 84  
DA  "C2'" "H2'"  sing N N 85  
DA  "C2'" "H2''" sing N N 86  
DA  "C1'" N9     sing N N 87  
DA  "C1'" "H1'"  sing N N 88  
DA  N9    C8     sing Y N 89  
DA  N9    C4     sing Y N 90  
DA  C8    N7     doub Y N 91  
DA  C8    H8     sing N N 92  
DA  N7    C5     sing Y N 93  
DA  C5    C6     sing Y N 94  
DA  C5    C4     doub Y N 95  
DA  C6    N6     sing N N 96  
DA  C6    N1     doub Y N 97  
DA  N6    H61    sing N N 98  
DA  N6    H62    sing N N 99  
DA  N1    C2     sing Y N 100 
DA  C2    N3     doub Y N 101 
DA  C2    H2     sing N N 102 
DA  N3    C4     sing Y N 103 
DC  OP3   P      sing N N 104 
DC  OP3   HOP3   sing N N 105 
DC  P     OP1    doub N N 106 
DC  P     OP2    sing N N 107 
DC  P     "O5'"  sing N N 108 
DC  OP2   HOP2   sing N N 109 
DC  "O5'" "C5'"  sing N N 110 
DC  "C5'" "C4'"  sing N N 111 
DC  "C5'" "H5'"  sing N N 112 
DC  "C5'" "H5''" sing N N 113 
DC  "C4'" "O4'"  sing N N 114 
DC  "C4'" "C3'"  sing N N 115 
DC  "C4'" "H4'"  sing N N 116 
DC  "O4'" "C1'"  sing N N 117 
DC  "C3'" "O3'"  sing N N 118 
DC  "C3'" "C2'"  sing N N 119 
DC  "C3'" "H3'"  sing N N 120 
DC  "O3'" "HO3'" sing N N 121 
DC  "C2'" "C1'"  sing N N 122 
DC  "C2'" "H2'"  sing N N 123 
DC  "C2'" "H2''" sing N N 124 
DC  "C1'" N1     sing N N 125 
DC  "C1'" "H1'"  sing N N 126 
DC  N1    C2     sing N N 127 
DC  N1    C6     sing N N 128 
DC  C2    O2     doub N N 129 
DC  C2    N3     sing N N 130 
DC  N3    C4     doub N N 131 
DC  C4    N4     sing N N 132 
DC  C4    C5     sing N N 133 
DC  N4    H41    sing N N 134 
DC  N4    H42    sing N N 135 
DC  C5    C6     doub N N 136 
DC  C5    H5     sing N N 137 
DC  C6    H6     sing N N 138 
DG  OP3   P      sing N N 139 
DG  OP3   HOP3   sing N N 140 
DG  P     OP1    doub N N 141 
DG  P     OP2    sing N N 142 
DG  P     "O5'"  sing N N 143 
DG  OP2   HOP2   sing N N 144 
DG  "O5'" "C5'"  sing N N 145 
DG  "C5'" "C4'"  sing N N 146 
DG  "C5'" "H5'"  sing N N 147 
DG  "C5'" "H5''" sing N N 148 
DG  "C4'" "O4'"  sing N N 149 
DG  "C4'" "C3'"  sing N N 150 
DG  "C4'" "H4'"  sing N N 151 
DG  "O4'" "C1'"  sing N N 152 
DG  "C3'" "O3'"  sing N N 153 
DG  "C3'" "C2'"  sing N N 154 
DG  "C3'" "H3'"  sing N N 155 
DG  "O3'" "HO3'" sing N N 156 
DG  "C2'" "C1'"  sing N N 157 
DG  "C2'" "H2'"  sing N N 158 
DG  "C2'" "H2''" sing N N 159 
DG  "C1'" N9     sing N N 160 
DG  "C1'" "H1'"  sing N N 161 
DG  N9    C8     sing Y N 162 
DG  N9    C4     sing Y N 163 
DG  C8    N7     doub Y N 164 
DG  C8    H8     sing N N 165 
DG  N7    C5     sing Y N 166 
DG  C5    C6     sing N N 167 
DG  C5    C4     doub Y N 168 
DG  C6    O6     doub N N 169 
DG  C6    N1     sing N N 170 
DG  N1    C2     sing N N 171 
DG  N1    H1     sing N N 172 
DG  C2    N2     sing N N 173 
DG  C2    N3     doub N N 174 
DG  N2    H21    sing N N 175 
DG  N2    H22    sing N N 176 
DG  N3    C4     sing N N 177 
DT  OP3   P      sing N N 178 
DT  OP3   HOP3   sing N N 179 
DT  P     OP1    doub N N 180 
DT  P     OP2    sing N N 181 
DT  P     "O5'"  sing N N 182 
DT  OP2   HOP2   sing N N 183 
DT  "O5'" "C5'"  sing N N 184 
DT  "C5'" "C4'"  sing N N 185 
DT  "C5'" "H5'"  sing N N 186 
DT  "C5'" "H5''" sing N N 187 
DT  "C4'" "O4'"  sing N N 188 
DT  "C4'" "C3'"  sing N N 189 
DT  "C4'" "H4'"  sing N N 190 
DT  "O4'" "C1'"  sing N N 191 
DT  "C3'" "O3'"  sing N N 192 
DT  "C3'" "C2'"  sing N N 193 
DT  "C3'" "H3'"  sing N N 194 
DT  "O3'" "HO3'" sing N N 195 
DT  "C2'" "C1'"  sing N N 196 
DT  "C2'" "H2'"  sing N N 197 
DT  "C2'" "H2''" sing N N 198 
DT  "C1'" N1     sing N N 199 
DT  "C1'" "H1'"  sing N N 200 
DT  N1    C2     sing N N 201 
DT  N1    C6     sing N N 202 
DT  C2    O2     doub N N 203 
DT  C2    N3     sing N N 204 
DT  N3    C4     sing N N 205 
DT  N3    H3     sing N N 206 
DT  C4    O4     doub N N 207 
DT  C4    C5     sing N N 208 
DT  C5    C7     sing N N 209 
DT  C5    C6     doub N N 210 
DT  C7    H71    sing N N 211 
DT  C7    H72    sing N N 212 
DT  C7    H73    sing N N 213 
DT  C6    H6     sing N N 214 
HOH O     H1     sing N N 215 
HOH O     H2     sing N N 216 
# 
_ndb_struct_conf_na.entry_id   1EEL 
_ndb_struct_conf_na.feature    'b-form double helix' 
# 
loop_
_ndb_struct_na_base_pair.model_number 
_ndb_struct_na_base_pair.i_label_asym_id 
_ndb_struct_na_base_pair.i_label_comp_id 
_ndb_struct_na_base_pair.i_label_seq_id 
_ndb_struct_na_base_pair.i_symmetry 
_ndb_struct_na_base_pair.j_label_asym_id 
_ndb_struct_na_base_pair.j_label_comp_id 
_ndb_struct_na_base_pair.j_label_seq_id 
_ndb_struct_na_base_pair.j_symmetry 
_ndb_struct_na_base_pair.shear 
_ndb_struct_na_base_pair.stretch 
_ndb_struct_na_base_pair.stagger 
_ndb_struct_na_base_pair.buckle 
_ndb_struct_na_base_pair.propeller 
_ndb_struct_na_base_pair.opening 
_ndb_struct_na_base_pair.pair_number 
_ndb_struct_na_base_pair.pair_name 
_ndb_struct_na_base_pair.i_auth_asym_id 
_ndb_struct_na_base_pair.i_auth_seq_id 
_ndb_struct_na_base_pair.i_PDB_ins_code 
_ndb_struct_na_base_pair.j_auth_asym_id 
_ndb_struct_na_base_pair.j_auth_seq_id 
_ndb_struct_na_base_pair.j_PDB_ins_code 
_ndb_struct_na_base_pair.hbond_type_28 
_ndb_struct_na_base_pair.hbond_type_12 
1 A DC 1  1_555 B DG 12 1_555 0.126  -0.351 -0.419 3.076   -11.064 -3.764 1  A_DC1:DG24_B  A 1  ? B 24 ? 19 1 
1 A DG 2  1_555 B DC 11 1_555 0.014  -0.337 0.096  -3.369  -8.852  -2.221 2  A_DG2:DC23_B  A 2  ? B 23 ? 19 1 
1 A DC 3  1_555 B DG 10 1_555 0.086  -0.400 0.143  -5.770  -8.760  -0.504 3  A_DC3:DG22_B  A 3  ? B 22 ? 19 1 
1 A DG 4  1_555 B DC 9  1_555 0.197  -0.587 -0.137 6.965   -11.108 -3.492 4  A_DG4:DC21_B  A 4  ? B 21 ? 19 1 
1 A DA 5  1_555 B DT 8  1_555 -0.208 0.195  0.161  5.695   -12.336 6.564  5  A_DA5:DT20_B  A 5  ? B 20 ? 20 1 
1 A DA 6  1_555 B DT 7  1_555 -0.355 0.073  -0.274 -4.081  -22.089 11.215 6  A_DA6:DT19_B  A 6  ? B 19 ? 20 1 
1 A DT 7  1_555 B DA 6  1_555 -0.412 -0.015 0.504  -2.303  -16.761 3.563  7  A_DT7:DA18_B  A 7  ? B 18 ? 20 1 
1 A DT 8  1_555 B DA 5  1_555 0.060  -0.316 0.126  -9.100  -12.938 -1.415 8  A_DT8:DA17_B  A 8  ? B 17 ? 20 1 
1 A DC 9  1_555 B DG 4  1_555 0.049  -0.240 0.111  -11.721 -5.364  -1.627 9  A_DC9:DG16_B  A 9  ? B 16 ? 19 1 
1 A DG 10 1_555 B DC 3  1_555 0.062  0.133  -0.021 -1.346  -10.621 11.603 10 A_DG10:DC15_B A 10 ? B 15 ? 19 1 
1 A DC 11 1_555 B DG 2  1_555 0.302  -0.120 0.351  -2.359  -19.413 -5.163 11 A_DC11:DG14_B A 11 ? B 14 ? 19 1 
1 A DG 12 1_555 B DC 1  1_555 -0.314 -0.292 0.721  3.263   -9.224  -8.302 12 A_DG12:DC13_B A 12 ? B 13 ? 19 1 
# 
loop_
_ndb_struct_na_base_pair_step.model_number 
_ndb_struct_na_base_pair_step.i_label_asym_id_1 
_ndb_struct_na_base_pair_step.i_label_comp_id_1 
_ndb_struct_na_base_pair_step.i_label_seq_id_1 
_ndb_struct_na_base_pair_step.i_symmetry_1 
_ndb_struct_na_base_pair_step.j_label_asym_id_1 
_ndb_struct_na_base_pair_step.j_label_comp_id_1 
_ndb_struct_na_base_pair_step.j_label_seq_id_1 
_ndb_struct_na_base_pair_step.j_symmetry_1 
_ndb_struct_na_base_pair_step.i_label_asym_id_2 
_ndb_struct_na_base_pair_step.i_label_comp_id_2 
_ndb_struct_na_base_pair_step.i_label_seq_id_2 
_ndb_struct_na_base_pair_step.i_symmetry_2 
_ndb_struct_na_base_pair_step.j_label_asym_id_2 
_ndb_struct_na_base_pair_step.j_label_comp_id_2 
_ndb_struct_na_base_pair_step.j_label_seq_id_2 
_ndb_struct_na_base_pair_step.j_symmetry_2 
_ndb_struct_na_base_pair_step.shift 
_ndb_struct_na_base_pair_step.slide 
_ndb_struct_na_base_pair_step.rise 
_ndb_struct_na_base_pair_step.tilt 
_ndb_struct_na_base_pair_step.roll 
_ndb_struct_na_base_pair_step.twist 
_ndb_struct_na_base_pair_step.x_displacement 
_ndb_struct_na_base_pair_step.y_displacement 
_ndb_struct_na_base_pair_step.helical_rise 
_ndb_struct_na_base_pair_step.inclination 
_ndb_struct_na_base_pair_step.tip 
_ndb_struct_na_base_pair_step.helical_twist 
_ndb_struct_na_base_pair_step.step_number 
_ndb_struct_na_base_pair_step.step_name 
_ndb_struct_na_base_pair_step.i_auth_asym_id_1 
_ndb_struct_na_base_pair_step.i_auth_seq_id_1 
_ndb_struct_na_base_pair_step.i_PDB_ins_code_1 
_ndb_struct_na_base_pair_step.j_auth_asym_id_1 
_ndb_struct_na_base_pair_step.j_auth_seq_id_1 
_ndb_struct_na_base_pair_step.j_PDB_ins_code_1 
_ndb_struct_na_base_pair_step.i_auth_asym_id_2 
_ndb_struct_na_base_pair_step.i_auth_seq_id_2 
_ndb_struct_na_base_pair_step.i_PDB_ins_code_2 
_ndb_struct_na_base_pair_step.j_auth_asym_id_2 
_ndb_struct_na_base_pair_step.j_auth_seq_id_2 
_ndb_struct_na_base_pair_step.j_PDB_ins_code_2 
1 A DC 1  1_555 B DG 12 1_555 A DG 2  1_555 B DC 11 1_555 -0.093 0.304  3.570 -2.969 10.854 34.693 -1.187 -0.309 3.502 17.637  
4.824  36.419 1  AA_DC1DG2:DC23DG24_BB   A 1  ? B 24 ? A 2  ? B 23 ? 
1 A DG 2  1_555 B DC 11 1_555 A DC 3  1_555 B DG 10 1_555 0.614  0.313  3.497 2.120  -3.087 37.651 0.907  -0.655 3.490 -4.768  
-3.275 37.830 2  AA_DG2DC3:DG22DC23_BB   A 2  ? B 23 ? A 3  ? B 22 ? 
1 A DC 3  1_555 B DG 10 1_555 A DG 4  1_555 B DC 9  1_555 -0.472 0.771  3.093 0.425  8.359  33.591 0.041  0.858  3.181 14.192  
-0.721 34.589 3  AA_DC3DG4:DC21DG22_BB   A 3  ? B 22 ? A 4  ? B 21 ? 
1 A DG 4  1_555 B DC 9  1_555 A DA 5  1_555 B DT 8  1_555 0.406  -0.046 3.355 -2.125 3.743  32.436 -0.741 -1.095 3.297 6.665   
3.784  32.713 4  AA_DG4DA5:DT20DC21_BB   A 4  ? B 21 ? A 5  ? B 20 ? 
1 A DA 5  1_555 B DT 8  1_555 A DA 6  1_555 B DT 7  1_555 0.156  -0.001 3.547 2.365  2.224  35.294 -0.356 0.122  3.543 3.658   
-3.891 35.439 5  AA_DA5DA6:DT19DT20_BB   A 5  ? B 20 ? A 6  ? B 19 ? 
1 A DA 6  1_555 B DT 7  1_555 A DT 7  1_555 B DA 6  1_555 0.011  -0.486 3.252 -5.094 -0.780 34.145 -0.699 -0.805 3.227 -1.319  
8.615  34.521 6  AA_DA6DT7:DA18DT19_BB   A 6  ? B 19 ? A 7  ? B 18 ? 
1 A DT 7  1_555 B DA 6  1_555 A DT 8  1_555 B DA 5  1_555 -0.457 -0.408 3.425 1.636  2.384  37.936 -0.941 0.917  3.373 3.660   
-2.513 38.042 7  AA_DT7DT8:DA17DA18_BB   A 7  ? B 18 ? A 8  ? B 17 ? 
1 A DT 8  1_555 B DA 5  1_555 A DC 9  1_555 B DG 4  1_555 -0.052 -0.180 3.290 -1.739 0.486  36.323 -0.357 -0.160 3.286 0.780   
2.788  36.366 8  AA_DT8DC9:DG16DA17_BB   A 8  ? B 17 ? A 9  ? B 16 ? 
1 A DC 9  1_555 B DG 4  1_555 A DG 10 1_555 B DC 3  1_555 0.381  1.195  3.229 1.830  3.785  32.945 1.450  -0.356 3.357 6.641   
-3.210 33.205 9  AA_DC9DG10:DC15DG16_BB  A 9  ? B 16 ? A 10 ? B 15 ? 
1 A DG 10 1_555 B DC 3  1_555 A DC 11 1_555 B DG 2  1_555 -1.577 0.906  3.565 -7.918 -9.955 41.353 2.311  1.284  3.498 -13.712 
10.905 43.183 10 AA_DG10DC11:DG14DC15_BB A 10 ? B 15 ? A 11 ? B 14 ? 
1 A DC 11 1_555 B DG 2  1_555 A DG 12 1_555 B DC 1  1_555 0.142  0.207  3.243 -3.443 0.711  33.119 0.245  -0.816 3.216 1.244   
6.020  33.300 11 AA_DC11DG12:DC13DG14_BB A 11 ? B 14 ? A 12 ? B 13 ? 
# 
_pdbx_initial_refinement_model.accession_code   298D 
_pdbx_initial_refinement_model.id               1 
_pdbx_initial_refinement_model.entity_id_list   ? 
_pdbx_initial_refinement_model.type             'experimental model' 
_pdbx_initial_refinement_model.source_name      PDB 
_pdbx_initial_refinement_model.details          'DNA PART OF NDB STRUCTURE GDL044' 
# 
_atom_sites.entry_id                    1EEL 
_atom_sites.fract_transf_matrix[1][1]   0.03444311 
_atom_sites.fract_transf_matrix[1][2]   -0.01747879 
_atom_sites.fract_transf_matrix[1][3]   -0.00471486 
_atom_sites.fract_transf_matrix[2][1]   -0.00192380 
_atom_sites.fract_transf_matrix[2][2]   0.00276912 
_atom_sites.fract_transf_matrix[2][3]   -0.02431937 
_atom_sites.fract_transf_matrix[3][1]   0.00690895 
_atom_sites.fract_transf_matrix[3][2]   0.01335187 
_atom_sites.fract_transf_matrix[3][3]   0.00097377 
_atom_sites.fract_transf_vector[1]      0.302844 
_atom_sites.fract_transf_vector[2]      0.556618 
_atom_sites.fract_transf_vector[3]      0.149445 
# 
loop_
_atom_type.symbol 
C 
N 
O 
P 
# 
loop_
_atom_site.group_PDB 
_atom_site.id 
_atom_site.type_symbol 
_atom_site.label_atom_id 
_atom_site.label_alt_id 
_atom_site.label_comp_id 
_atom_site.label_asym_id 
_atom_site.label_entity_id 
_atom_site.label_seq_id 
_atom_site.pdbx_PDB_ins_code 
_atom_site.Cartn_x 
_atom_site.Cartn_y 
_atom_site.Cartn_z 
_atom_site.occupancy 
_atom_site.B_iso_or_equiv 
_atom_site.pdbx_formal_charge 
_atom_site.auth_seq_id 
_atom_site.auth_comp_id 
_atom_site.auth_asym_id 
_atom_site.auth_atom_id 
_atom_site.pdbx_PDB_model_num 
ATOM   1   O "O5'" . DC  A 1 1  ? 16.104  10.345  -11.602 1.00 53.82 ? 1   DC  A "O5'" 1 
ATOM   2   C "C5'" . DC  A 1 1  ? 15.846  8.923   -11.595 1.00 45.14 ? 1   DC  A "C5'" 1 
ATOM   3   C "C4'" . DC  A 1 1  ? 16.807  8.247   -10.651 1.00 39.87 ? 1   DC  A "C4'" 1 
ATOM   4   O "O4'" . DC  A 1 1  ? 16.818  8.967   -9.404  1.00 38.38 ? 1   DC  A "O4'" 1 
ATOM   5   C "C3'" . DC  A 1 1  ? 16.486  6.803   -10.288 1.00 37.74 ? 1   DC  A "C3'" 1 
ATOM   6   O "O3'" . DC  A 1 1  ? 17.709  6.076   -10.256 1.00 42.33 ? 1   DC  A "O3'" 1 
ATOM   7   C "C2'" . DC  A 1 1  ? 15.828  6.909   -8.929  1.00 35.37 ? 1   DC  A "C2'" 1 
ATOM   8   C "C1'" . DC  A 1 1  ? 16.487  8.121   -8.318  1.00 34.35 ? 1   DC  A "C1'" 1 
ATOM   9   N N1    . DC  A 1 1  ? 15.631  8.900   -7.393  1.00 29.79 ? 1   DC  A N1    1 
ATOM   10  C C2    . DC  A 1 1  ? 16.162  9.331   -6.172  1.00 28.10 ? 1   DC  A C2    1 
ATOM   11  O O2    . DC  A 1 1  ? 17.321  9.012   -5.884  1.00 26.55 ? 1   DC  A O2    1 
ATOM   12  N N3    . DC  A 1 1  ? 15.391  10.081  -5.335  1.00 27.41 ? 1   DC  A N3    1 
ATOM   13  C C4    . DC  A 1 1  ? 14.133  10.376  -5.682  1.00 28.52 ? 1   DC  A C4    1 
ATOM   14  N N4    . DC  A 1 1  ? 13.389  11.104  -4.832  1.00 22.75 ? 1   DC  A N4    1 
ATOM   15  C C5    . DC  A 1 1  ? 13.572  9.933   -6.919  1.00 29.08 ? 1   DC  A C5    1 
ATOM   16  C C6    . DC  A 1 1  ? 14.347  9.207   -7.731  1.00 27.09 ? 1   DC  A C6    1 
ATOM   17  P P     . DG  A 1 2  ? 17.702  4.488   -10.034 1.00 48.38 ? 2   DG  A P     1 
ATOM   18  O OP1   . DG  A 1 2  ? 18.898  3.958   -10.738 1.00 49.07 ? 2   DG  A OP1   1 
ATOM   19  O OP2   . DG  A 1 2  ? 16.361  3.914   -10.308 1.00 49.07 ? 2   DG  A OP2   1 
ATOM   20  O "O5'" . DG  A 1 2  ? 17.929  4.337   -8.475  1.00 45.37 ? 2   DG  A "O5'" 1 
ATOM   21  C "C5'" . DG  A 1 2  ? 19.188  4.679   -7.935  1.00 39.04 ? 2   DG  A "C5'" 1 
ATOM   22  C "C4'" . DG  A 1 2  ? 19.264  4.223   -6.508  1.00 35.01 ? 2   DG  A "C4'" 1 
ATOM   23  O "O4'" . DG  A 1 2  ? 18.459  5.087   -5.680  1.00 32.26 ? 2   DG  A "O4'" 1 
ATOM   24  C "C3'" . DG  A 1 2  ? 18.741  2.806   -6.300  1.00 34.83 ? 2   DG  A "C3'" 1 
ATOM   25  O "O3'" . DG  A 1 2  ? 19.698  2.093   -5.497  1.00 41.62 ? 2   DG  A "O3'" 1 
ATOM   26  C "C2'" . DG  A 1 2  ? 17.369  3.012   -5.684  1.00 30.60 ? 2   DG  A "C2'" 1 
ATOM   27  C "C1'" . DG  A 1 2  ? 17.514  4.334   -4.954  1.00 29.55 ? 2   DG  A "C1'" 1 
ATOM   28  N N9    . DG  A 1 2  ? 16.300  5.101   -4.910  1.00 22.14 ? 2   DG  A N9    1 
ATOM   29  C C8    . DG  A 1 2  ? 15.377  5.239   -5.914  1.00 21.38 ? 2   DG  A C8    1 
ATOM   30  N N7    . DG  A 1 2  ? 14.380  6.022   -5.591  1.00 21.49 ? 2   DG  A N7    1 
ATOM   31  C C5    . DG  A 1 2  ? 14.663  6.418   -4.285  1.00 20.10 ? 2   DG  A C5    1 
ATOM   32  C C6    . DG  A 1 2  ? 13.943  7.261   -3.397  1.00 18.51 ? 2   DG  A C6    1 
ATOM   33  O O6    . DG  A 1 2  ? 12.875  7.856   -3.592  1.00 22.62 ? 2   DG  A O6    1 
ATOM   34  N N1    . DG  A 1 2  ? 14.583  7.383   -2.172  1.00 16.53 ? 2   DG  A N1    1 
ATOM   35  C C2    . DG  A 1 2  ? 15.759  6.778   -1.840  1.00 21.13 ? 2   DG  A C2    1 
ATOM   36  N N2    . DG  A 1 2  ? 16.216  7.033   -0.610  1.00 21.38 ? 2   DG  A N2    1 
ATOM   37  N N3    . DG  A 1 2  ? 16.443  5.983   -2.653  1.00 22.92 ? 2   DG  A N3    1 
ATOM   38  C C4    . DG  A 1 2  ? 15.842  5.852   -3.851  1.00 22.53 ? 2   DG  A C4    1 
ATOM   39  P P     . DC  A 1 3  ? 19.415  0.581   -5.011  1.00 37.90 ? 3   DC  A P     1 
ATOM   40  O OP1   . DC  A 1 3  ? 20.737  -0.080  -4.912  1.00 39.77 ? 3   DC  A OP1   1 
ATOM   41  O OP2   . DC  A 1 3  ? 18.320  -0.039  -5.802  1.00 39.10 ? 3   DC  A OP2   1 
ATOM   42  O "O5'" . DC  A 1 3  ? 18.853  0.794   -3.544  1.00 36.54 ? 3   DC  A "O5'" 1 
ATOM   43  C "C5'" . DC  A 1 3  ? 19.594  1.582   -2.642  1.00 33.24 ? 3   DC  A "C5'" 1 
ATOM   44  C "C4'" . DC  A 1 3  ? 18.801  1.788   -1.384  1.00 32.21 ? 3   DC  A "C4'" 1 
ATOM   45  O "O4'" . DC  A 1 3  ? 17.685  2.643   -1.699  1.00 28.41 ? 3   DC  A "O4'" 1 
ATOM   46  C "C3'" . DC  A 1 3  ? 18.211  0.491   -0.839  1.00 32.55 ? 3   DC  A "C3'" 1 
ATOM   47  O "O3'" . DC  A 1 3  ? 18.827  0.134   0.400   1.00 37.02 ? 3   DC  A "O3'" 1 
ATOM   48  C "C2'" . DC  A 1 3  ? 16.717  0.738   -0.792  1.00 30.10 ? 3   DC  A "C2'" 1 
ATOM   49  C "C1'" . DC  A 1 3  ? 16.578  2.240   -0.943  1.00 26.85 ? 3   DC  A "C1'" 1 
ATOM   50  N N1    . DC  A 1 3  ? 15.410  2.584   -1.684  1.00 21.00 ? 3   DC  A N1    1 
ATOM   51  C C2    . DC  A 1 3  ? 14.501  3.488   -1.149  1.00 20.99 ? 3   DC  A C2    1 
ATOM   52  O O2    . DC  A 1 3  ? 14.724  3.984   -0.040  1.00 24.92 ? 3   DC  A O2    1 
ATOM   53  N N3    . DC  A 1 3  ? 13.396  3.797   -1.841  1.00 19.18 ? 3   DC  A N3    1 
ATOM   54  C C4    . DC  A 1 3  ? 13.190  3.242   -3.033  1.00 22.35 ? 3   DC  A C4    1 
ATOM   55  N N4    . DC  A 1 3  ? 12.085  3.578   -3.705  1.00 23.74 ? 3   DC  A N4    1 
ATOM   56  C C5    . DC  A 1 3  ? 14.100  2.315   -3.598  1.00 24.09 ? 3   DC  A C5    1 
ATOM   57  C C6    . DC  A 1 3  ? 15.190  2.019   -2.896  1.00 21.49 ? 3   DC  A C6    1 
ATOM   58  P P     . DG  A 1 4  ? 18.503  -1.284  1.087   1.00 36.48 ? 4   DG  A P     1 
ATOM   59  O OP1   . DG  A 1 4  ? 19.729  -1.833  1.701   1.00 40.10 ? 4   DG  A OP1   1 
ATOM   60  O OP2   . DG  A 1 4  ? 17.738  -2.094  0.114   1.00 34.32 ? 4   DG  A OP2   1 
ATOM   61  O "O5'" . DG  A 1 4  ? 17.514  -0.870  2.251   1.00 36.42 ? 4   DG  A "O5'" 1 
ATOM   62  C "C5'" . DG  A 1 4  ? 17.899  0.157   3.145   1.00 34.95 ? 4   DG  A "C5'" 1 
ATOM   63  C "C4'" . DG  A 1 4  ? 16.752  0.507   4.059   1.00 37.27 ? 4   DG  A "C4'" 1 
ATOM   64  O "O4'" . DG  A 1 4  ? 15.717  1.236   3.368   1.00 35.56 ? 4   DG  A "O4'" 1 
ATOM   65  C "C3'" . DG  A 1 4  ? 16.071  -0.698  4.698   1.00 38.43 ? 4   DG  A "C3'" 1 
ATOM   66  O "O3'" . DG  A 1 4  ? 15.900  -0.424  6.087   1.00 44.77 ? 4   DG  A "O3'" 1 
ATOM   67  C "C2'" . DG  A 1 4  ? 14.774  -0.845  3.930   1.00 33.33 ? 4   DG  A "C2'" 1 
ATOM   68  C "C1'" . DG  A 1 4  ? 14.471  0.561   3.467   1.00 30.25 ? 4   DG  A "C1'" 1 
ATOM   69  N N9    . DG  A 1 4  ? 13.863  0.559   2.155   1.00 25.16 ? 4   DG  A N9    1 
ATOM   70  C C8    . DG  A 1 4  ? 14.206  -0.236  1.091   1.00 19.36 ? 4   DG  A C8    1 
ATOM   71  N N7    . DG  A 1 4  ? 13.468  -0.028  0.041   1.00 19.79 ? 4   DG  A N7    1 
ATOM   72  C C5    . DG  A 1 4  ? 12.589  0.970   0.437   1.00 21.13 ? 4   DG  A C5    1 
ATOM   73  C C6    . DG  A 1 4  ? 11.554  1.606   -0.277  1.00 26.19 ? 4   DG  A C6    1 
ATOM   74  O O6    . DG  A 1 4  ? 11.194  1.402   -1.443  1.00 30.59 ? 4   DG  A O6    1 
ATOM   75  N N1    . DG  A 1 4  ? 10.906  2.562   0.492   1.00 24.73 ? 4   DG  A N1    1 
ATOM   76  C C2    . DG  A 1 4  ? 11.215  2.860   1.785   1.00 25.73 ? 4   DG  A C2    1 
ATOM   77  N N2    . DG  A 1 4  ? 10.460  3.795   2.344   1.00 29.49 ? 4   DG  A N2    1 
ATOM   78  N N3    . DG  A 1 4  ? 12.187  2.277   2.472   1.00 23.20 ? 4   DG  A N3    1 
ATOM   79  C C4    . DG  A 1 4  ? 12.826  1.346   1.735   1.00 23.01 ? 4   DG  A C4    1 
ATOM   80  P P     . DA  A 1 5  ? 15.132  -1.463  7.022   1.00 47.75 ? 5   DA  A P     1 
ATOM   81  O OP1   . DA  A 1 5  ? 15.769  -1.350  8.352   1.00 50.20 ? 5   DA  A OP1   1 
ATOM   82  O OP2   . DA  A 1 5  ? 15.101  -2.773  6.326   1.00 45.93 ? 5   DA  A OP2   1 
ATOM   83  O "O5'" . DA  A 1 5  ? 13.687  -0.825  7.095   1.00 43.76 ? 5   DA  A "O5'" 1 
ATOM   84  C "C5'" . DA  A 1 5  ? 13.572  0.542   7.458   1.00 39.65 ? 5   DA  A "C5'" 1 
ATOM   85  C "C4'" . DA  A 1 5  ? 12.124  0.938   7.515   1.00 36.64 ? 5   DA  A "C4'" 1 
ATOM   86  O "O4'" . DA  A 1 5  ? 11.565  0.961   6.186   1.00 31.80 ? 5   DA  A "O4'" 1 
ATOM   87  C "C3'" . DA  A 1 5  ? 11.301  -0.068  8.303   1.00 38.72 ? 5   DA  A "C3'" 1 
ATOM   88  O "O3'" . DA  A 1 5  ? 10.415  0.651   9.157   1.00 43.74 ? 5   DA  A "O3'" 1 
ATOM   89  C "C2'" . DA  A 1 5  ? 10.656  -0.933  7.229   1.00 33.75 ? 5   DA  A "C2'" 1 
ATOM   90  C "C1'" . DA  A 1 5  ? 10.524  0.017   6.049   1.00 28.24 ? 5   DA  A "C1'" 1 
ATOM   91  N N9    . DA  A 1 5  ? 10.659  -0.582  4.717   1.00 21.35 ? 5   DA  A N9    1 
ATOM   92  C C8    . DA  A 1 5  ? 11.573  -1.512  4.298   1.00 20.15 ? 5   DA  A C8    1 
ATOM   93  N N7    . DA  A 1 5  ? 11.459  -1.838  3.029   1.00 18.67 ? 5   DA  A N7    1 
ATOM   94  C C5    . DA  A 1 5  ? 10.392  -1.062  2.591   1.00 17.50 ? 5   DA  A C5    1 
ATOM   95  C C6    . DA  A 1 5  ? 9.765   -0.939  1.349   1.00 16.82 ? 5   DA  A C6    1 
ATOM   96  N N6    . DA  A 1 5  ? 10.135  -1.621  0.262   1.00 19.06 ? 5   DA  A N6    1 
ATOM   97  N N1    . DA  A 1 5  ? 8.725   -0.089  1.250   1.00 16.76 ? 5   DA  A N1    1 
ATOM   98  C C2    . DA  A 1 5  ? 8.348   0.587   2.333   1.00 17.83 ? 5   DA  A C2    1 
ATOM   99  N N3    . DA  A 1 5  ? 8.855   0.560   3.557   1.00 22.68 ? 5   DA  A N3    1 
ATOM   100 C C4    . DA  A 1 5  ? 9.888   -0.295  3.622   1.00 18.92 ? 5   DA  A C4    1 
ATOM   101 P P     . DA  A 1 6  ? 9.247   -0.120  9.928   1.00 44.59 ? 6   DA  A P     1 
ATOM   102 O OP1   . DA  A 1 6  ? 8.928   0.719   11.111  1.00 47.16 ? 6   DA  A OP1   1 
ATOM   103 O OP2   . DA  A 1 6  ? 9.671   -1.538  10.094  1.00 40.30 ? 6   DA  A OP2   1 
ATOM   104 O "O5'" . DA  A 1 6  ? 8.011   -0.020  8.925   1.00 45.60 ? 6   DA  A "O5'" 1 
ATOM   105 C "C5'" . DA  A 1 6  ? 7.491   1.271   8.560   1.00 39.57 ? 6   DA  A "C5'" 1 
ATOM   106 C "C4'" . DA  A 1 6  ? 6.299   1.143   7.639   1.00 32.48 ? 6   DA  A "C4'" 1 
ATOM   107 O "O4'" . DA  A 1 6  ? 6.697   0.550   6.386   1.00 33.07 ? 6   DA  A "O4'" 1 
ATOM   108 C "C3'" . DA  A 1 6  ? 5.141   0.297   8.158   1.00 32.80 ? 6   DA  A "C3'" 1 
ATOM   109 O "O3'" . DA  A 1 6  ? 3.930   1.035   8.076   1.00 31.59 ? 6   DA  A "O3'" 1 
ATOM   110 C "C2'" . DA  A 1 6  ? 5.150   -0.952  7.287   1.00 30.78 ? 6   DA  A "C2'" 1 
ATOM   111 C "C1'" . DA  A 1 6  ? 5.786   -0.467  6.002   1.00 26.76 ? 6   DA  A "C1'" 1 
ATOM   112 N N9    . DA  A 1 6  ? 6.536   -1.453  5.262   1.00 17.67 ? 6   DA  A N9    1 
ATOM   113 C C8    . DA  A 1 6  ? 7.525   -2.276  5.714   1.00 18.86 ? 6   DA  A C8    1 
ATOM   114 N N7    . DA  A 1 6  ? 8.038   -3.044  4.780   1.00 20.66 ? 6   DA  A N7    1 
ATOM   115 C C5    . DA  A 1 6  ? 7.327   -2.695  3.638   1.00 16.47 ? 6   DA  A C5    1 
ATOM   116 C C6    . DA  A 1 6  ? 7.383   -3.144  2.305   1.00 16.83 ? 6   DA  A C6    1 
ATOM   117 N N6    . DA  A 1 6  ? 8.229   -4.078  1.871   1.00 19.15 ? 6   DA  A N6    1 
ATOM   118 N N1    . DA  A 1 6  ? 6.522   -2.600  1.418   1.00 17.91 ? 6   DA  A N1    1 
ATOM   119 C C2    . DA  A 1 6  ? 5.672   -1.668  1.851   1.00 16.66 ? 6   DA  A C2    1 
ATOM   120 N N3    . DA  A 1 6  ? 5.530   -1.159  3.079   1.00 19.45 ? 6   DA  A N3    1 
ATOM   121 C C4    . DA  A 1 6  ? 6.395   -1.723  3.928   1.00 15.18 ? 6   DA  A C4    1 
ATOM   122 P P     . DT  A 1 7  ? 2.566   0.361   8.570   1.00 31.90 ? 7   DT  A P     1 
ATOM   123 O OP1   . DT  A 1 7  ? 1.590   1.418   8.933   1.00 29.17 ? 7   DT  A OP1   1 
ATOM   124 O OP2   . DT  A 1 7  ? 2.935   -0.687  9.546   1.00 31.73 ? 7   DT  A OP2   1 
ATOM   125 O "O5'" . DT  A 1 7  ? 2.052   -0.354  7.255   1.00 31.90 ? 7   DT  A "O5'" 1 
ATOM   126 C "C5'" . DT  A 1 7  ? 1.792   0.440   6.120   1.00 29.69 ? 7   DT  A "C5'" 1 
ATOM   127 C "C4'" . DT  A 1 7  ? 1.280   -0.414  4.997   1.00 27.86 ? 7   DT  A "C4'" 1 
ATOM   128 O "O4'" . DT  A 1 7  ? 2.340   -1.276  4.540   1.00 26.64 ? 7   DT  A "O4'" 1 
ATOM   129 C "C3'" . DT  A 1 7  ? 0.128   -1.335  5.386   1.00 27.19 ? 7   DT  A "C3'" 1 
ATOM   130 O "O3'" . DT  A 1 7  ? -0.987  -0.994  4.574   1.00 31.30 ? 7   DT  A "O3'" 1 
ATOM   131 C "C2'" . DT  A 1 7  ? 0.676   -2.738  5.169   1.00 26.23 ? 7   DT  A "C2'" 1 
ATOM   132 C "C1'" . DT  A 1 7  ? 1.759   -2.495  4.148   1.00 24.71 ? 7   DT  A "C1'" 1 
ATOM   133 N N1    . DT  A 1 7  ? 2.810   -3.484  4.091   1.00 22.87 ? 7   DT  A N1    1 
ATOM   134 C C2    . DT  A 1 7  ? 3.085   -4.061  2.870   1.00 24.88 ? 7   DT  A C2    1 
ATOM   135 O O2    . DT  A 1 7  ? 2.480   -3.787  1.850   1.00 28.37 ? 7   DT  A O2    1 
ATOM   136 N N3    . DT  A 1 7  ? 4.097   -4.980  2.888   1.00 23.74 ? 7   DT  A N3    1 
ATOM   137 C C4    . DT  A 1 7  ? 4.847   -5.374  3.983   1.00 24.83 ? 7   DT  A C4    1 
ATOM   138 O O4    . DT  A 1 7  ? 5.742   -6.208  3.852   1.00 30.33 ? 7   DT  A O4    1 
ATOM   139 C C5    . DT  A 1 7  ? 4.505   -4.742  5.220   1.00 23.68 ? 7   DT  A C5    1 
ATOM   140 C C7    . DT  A 1 7  ? 5.266   -5.121  6.448   1.00 23.01 ? 7   DT  A C7    1 
ATOM   141 C C6    . DT  A 1 7  ? 3.514   -3.835  5.221   1.00 24.55 ? 7   DT  A C6    1 
ATOM   142 P P     . DT  A 1 8  ? -2.374  -1.789  4.711   1.00 33.81 ? 8   DT  A P     1 
ATOM   143 O OP1   . DT  A 1 8  ? -3.408  -0.769  4.447   1.00 32.82 ? 8   DT  A OP1   1 
ATOM   144 O OP2   . DT  A 1 8  ? -2.416  -2.581  5.962   1.00 39.71 ? 8   DT  A OP2   1 
ATOM   145 O "O5'" . DT  A 1 8  ? -2.303  -2.831  3.510   1.00 35.15 ? 8   DT  A "O5'" 1 
ATOM   146 C "C5'" . DT  A 1 8  ? -2.169  -2.330  2.191   1.00 31.51 ? 8   DT  A "C5'" 1 
ATOM   147 C "C4'" . DT  A 1 8  ? -2.136  -3.451  1.189   1.00 28.59 ? 8   DT  A "C4'" 1 
ATOM   148 O "O4'" . DT  A 1 8  ? -0.896  -4.168  1.285   1.00 28.99 ? 8   DT  A "O4'" 1 
ATOM   149 C "C3'" . DT  A 1 8  ? -3.248  -4.482  1.304   1.00 32.23 ? 8   DT  A "C3'" 1 
ATOM   150 O "O3'" . DT  A 1 8  ? -3.908  -4.512  0.047   1.00 38.06 ? 8   DT  A "O3'" 1 
ATOM   151 C "C2'" . DT  A 1 8  ? -2.544  -5.774  1.684   1.00 29.79 ? 8   DT  A "C2'" 1 
ATOM   152 C "C1'" . DT  A 1 8  ? -1.137  -5.558  1.155   1.00 29.93 ? 8   DT  A "C1'" 1 
ATOM   153 N N1    . DT  A 1 8  ? -0.069  -6.251  1.894   1.00 29.90 ? 8   DT  A N1    1 
ATOM   154 C C2    . DT  A 1 8  ? 0.785   -7.092  1.213   1.00 29.93 ? 8   DT  A C2    1 
ATOM   155 O O2    . DT  A 1 8  ? 0.697   -7.308  0.015   1.00 32.36 ? 8   DT  A O2    1 
ATOM   156 N N3    . DT  A 1 8  ? 1.758   -7.676  1.993   1.00 25.38 ? 8   DT  A N3    1 
ATOM   157 C C4    . DT  A 1 8  ? 1.953   -7.504  3.348   1.00 22.31 ? 8   DT  A C4    1 
ATOM   158 O O4    . DT  A 1 8  ? 2.864   -8.094  3.900   1.00 21.38 ? 8   DT  A O4    1 
ATOM   159 C C5    . DT  A 1 8  ? 1.016   -6.607  3.998   1.00 23.27 ? 8   DT  A C5    1 
ATOM   160 C C7    . DT  A 1 8  ? 1.134   -6.353  5.468   1.00 20.93 ? 8   DT  A C7    1 
ATOM   161 C C6    . DT  A 1 8  ? 0.069   -6.038  3.249   1.00 25.78 ? 8   DT  A C6    1 
ATOM   162 P P     . DC  A 1 9  ? -5.106  -5.529  -0.198  1.00 41.17 ? 9   DC  A P     1 
ATOM   163 O OP1   . DC  A 1 9  ? -6.095  -4.894  -1.110  1.00 41.62 ? 9   DC  A OP1   1 
ATOM   164 O OP2   . DC  A 1 9  ? -5.532  -6.023  1.131   1.00 40.83 ? 9   DC  A OP2   1 
ATOM   165 O "O5'" . DC  A 1 9  ? -4.373  -6.728  -0.928  1.00 40.80 ? 9   DC  A "O5'" 1 
ATOM   166 C "C5'" . DC  A 1 9  ? -3.639  -6.470  -2.103  1.00 40.57 ? 9   DC  A "C5'" 1 
ATOM   167 C "C4'" . DC  A 1 9  ? -3.089  -7.760  -2.645  1.00 42.89 ? 9   DC  A "C4'" 1 
ATOM   168 O "O4'" . DC  A 1 9  ? -2.011  -8.227  -1.800  1.00 43.70 ? 9   DC  A "O4'" 1 
ATOM   169 C "C3'" . DC  A 1 9  ? -4.131  -8.868  -2.677  1.00 44.69 ? 9   DC  A "C3'" 1 
ATOM   170 O "O3'" . DC  A 1 9  ? -4.258  -9.327  -4.030  1.00 46.31 ? 9   DC  A "O3'" 1 
ATOM   171 C "C2'" . DC  A 1 9  ? -3.691  -9.850  -1.590  1.00 43.10 ? 9   DC  A "C2'" 1 
ATOM   172 C "C1'" . DC  A 1 9  ? -2.202  -9.579  -1.422  1.00 42.71 ? 9   DC  A "C1'" 1 
ATOM   173 N N1    . DC  A 1 9  ? -1.593  -9.757  -0.053  1.00 40.46 ? 9   DC  A N1    1 
ATOM   174 C C2    . DC  A 1 9  ? -0.473  -10.613 0.098   1.00 41.37 ? 9   DC  A C2    1 
ATOM   175 O O2    . DC  A 1 9  ? -0.037  -11.225 -0.891  1.00 39.81 ? 9   DC  A O2    1 
ATOM   176 N N3    . DC  A 1 9  ? 0.102   -10.751 1.319   1.00 38.16 ? 9   DC  A N3    1 
ATOM   177 C C4    . DC  A 1 9  ? -0.389  -10.088 2.362   1.00 37.07 ? 9   DC  A C4    1 
ATOM   178 N N4    . DC  A 1 9  ? 0.215   -10.264 3.537   1.00 38.38 ? 9   DC  A N4    1 
ATOM   179 C C5    . DC  A 1 9  ? -1.524  -9.221  2.245   1.00 37.59 ? 9   DC  A C5    1 
ATOM   180 C C6    . DC  A 1 9  ? -2.089  -9.088  1.030   1.00 39.45 ? 9   DC  A C6    1 
ATOM   181 P P     . DG  A 1 10 ? -5.495  -10.271 -4.457  1.00 48.75 ? 10  DG  A P     1 
ATOM   182 O OP1   . DG  A 1 10 ? -5.775  -9.972  -5.880  1.00 52.04 ? 10  DG  A OP1   1 
ATOM   183 O OP2   . DG  A 1 10 ? -6.602  -10.201 -3.462  1.00 46.49 ? 10  DG  A OP2   1 
ATOM   184 O "O5'" . DG  A 1 10 ? -4.803  -11.691 -4.364  1.00 46.30 ? 10  DG  A "O5'" 1 
ATOM   185 C "C5'" . DG  A 1 10 ? -3.554  -11.855 -5.001  1.00 46.69 ? 10  DG  A "C5'" 1 
ATOM   186 C "C4'" . DG  A 1 10 ? -3.018  -13.238 -4.766  1.00 47.52 ? 10  DG  A "C4'" 1 
ATOM   187 O "O4'" . DG  A 1 10 ? -2.411  -13.342 -3.462  1.00 46.76 ? 10  DG  A "O4'" 1 
ATOM   188 C "C3'" . DG  A 1 10 ? -4.049  -14.353 -4.873  1.00 46.93 ? 10  DG  A "C3'" 1 
ATOM   189 O "O3'" . DG  A 1 10 ? -3.625  -15.246 -5.920  1.00 51.29 ? 10  DG  A "O3'" 1 
ATOM   190 C "C2'" . DG  A 1 10 ? -4.241  -14.838 -3.441  1.00 43.64 ? 10  DG  A "C2'" 1 
ATOM   191 C "C1'" . DG  A 1 10 ? -2.983  -14.386 -2.699  1.00 44.04 ? 10  DG  A "C1'" 1 
ATOM   192 N N9    . DG  A 1 10 ? -3.162  -13.868 -1.332  1.00 39.56 ? 10  DG  A N9    1 
ATOM   193 C C8    . DG  A 1 10 ? -4.196  -13.107 -0.848  1.00 38.67 ? 10  DG  A C8    1 
ATOM   194 N N7    . DG  A 1 10 ? -4.050  -12.780 0.411   1.00 34.13 ? 10  DG  A N7    1 
ATOM   195 C C5    . DG  A 1 10 ? -2.845  -13.369 0.779   1.00 33.44 ? 10  DG  A C5    1 
ATOM   196 C C6    . DG  A 1 10 ? -2.154  -13.373 2.027   1.00 30.33 ? 10  DG  A C6    1 
ATOM   197 O O6    . DG  A 1 10 ? -2.483  -12.840 3.085   1.00 31.92 ? 10  DG  A O6    1 
ATOM   198 N N1    . DG  A 1 10 ? -0.968  -14.078 1.954   1.00 24.26 ? 10  DG  A N1    1 
ATOM   199 C C2    . DG  A 1 10 ? -0.503  -14.705 0.833   1.00 28.93 ? 10  DG  A C2    1 
ATOM   200 N N2    . DG  A 1 10 ? 0.653   -15.348 0.954   1.00 29.23 ? 10  DG  A N2    1 
ATOM   201 N N3    . DG  A 1 10 ? -1.124  -14.713 -0.327  1.00 30.85 ? 10  DG  A N3    1 
ATOM   202 C C4    . DG  A 1 10 ? -2.283  -14.037 -0.287  1.00 34.82 ? 10  DG  A C4    1 
ATOM   203 P P     . DC  A 1 11 ? -4.111  -16.770 -5.960  1.00 52.40 ? 11  DC  A P     1 
ATOM   204 O OP1   . DC  A 1 11 ? -4.351  -17.132 -7.376  1.00 57.43 ? 11  DC  A OP1   1 
ATOM   205 O OP2   . DC  A 1 11 ? -5.199  -16.933 -4.957  1.00 53.69 ? 11  DC  A OP2   1 
ATOM   206 O "O5'" . DC  A 1 11 ? -2.821  -17.550 -5.478  1.00 48.33 ? 11  DC  A "O5'" 1 
ATOM   207 C "C5'" . DC  A 1 11 ? -1.573  -17.237 -6.079  1.00 45.60 ? 11  DC  A "C5'" 1 
ATOM   208 C "C4'" . DC  A 1 11 ? -0.456  -17.987 -5.400  1.00 44.60 ? 11  DC  A "C4'" 1 
ATOM   209 O "O4'" . DC  A 1 11 ? -0.421  -17.678 -3.990  1.00 41.62 ? 11  DC  A "O4'" 1 
ATOM   210 C "C3'" . DC  A 1 11 ? -0.587  -19.496 -5.487  1.00 46.13 ? 11  DC  A "C3'" 1 
ATOM   211 O "O3'" . DC  A 1 11 ? 0.691   -20.047 -5.762  1.00 47.66 ? 11  DC  A "O3'" 1 
ATOM   212 C "C2'" . DC  A 1 11 ? -1.168  -19.912 -4.146  1.00 42.47 ? 11  DC  A "C2'" 1 
ATOM   213 C "C1'" . DC  A 1 11 ? -0.689  -18.829 -3.200  1.00 38.16 ? 11  DC  A "C1'" 1 
ATOM   214 N N1    . DC  A 1 11 ? -1.653  -18.435 -2.199  1.00 30.38 ? 11  DC  A N1    1 
ATOM   215 C C2    . DC  A 1 11 ? -1.269  -18.412 -0.895  1.00 27.78 ? 11  DC  A C2    1 
ATOM   216 O O2    . DC  A 1 11 ? -0.134  -18.764 -0.618  1.00 28.12 ? 11  DC  A O2    1 
ATOM   217 N N3    . DC  A 1 11 ? -2.138  -18.014 0.047   1.00 25.63 ? 11  DC  A N3    1 
ATOM   218 C C4    . DC  A 1 11 ? -3.365  -17.662 -0.300  1.00 26.64 ? 11  DC  A C4    1 
ATOM   219 N N4    . DC  A 1 11 ? -4.196  -17.279 0.653   1.00 32.18 ? 11  DC  A N4    1 
ATOM   220 C C5    . DC  A 1 11 ? -3.796  -17.687 -1.637  1.00 27.78 ? 11  DC  A C5    1 
ATOM   221 C C6    . DC  A 1 11 ? -2.915  -18.077 -2.552  1.00 30.98 ? 11  DC  A C6    1 
ATOM   222 P P     . DG  A 1 12 ? 0.843   -21.625 -5.881  1.00 56.29 ? 12  DG  A P     1 
ATOM   223 O OP1   . DG  A 1 12 ? 2.128   -21.924 -6.561  1.00 57.32 ? 12  DG  A OP1   1 
ATOM   224 O OP2   . DG  A 1 12 ? -0.425  -22.154 -6.441  1.00 53.97 ? 12  DG  A OP2   1 
ATOM   225 O "O5'" . DG  A 1 12 ? 0.945   -22.058 -4.354  1.00 54.73 ? 12  DG  A "O5'" 1 
ATOM   226 C "C5'" . DG  A 1 12 ? 2.128   -21.778 -3.615  1.00 50.46 ? 12  DG  A "C5'" 1 
ATOM   227 C "C4'" . DG  A 1 12 ? 2.164   -22.634 -2.379  1.00 49.82 ? 12  DG  A "C4'" 1 
ATOM   228 O "O4'" . DG  A 1 12 ? 1.184   -22.145 -1.437  1.00 48.28 ? 12  DG  A "O4'" 1 
ATOM   229 C "C3'" . DG  A 1 12 ? 1.787   -24.087 -2.662  1.00 49.28 ? 12  DG  A "C3'" 1 
ATOM   230 O "O3'" . DG  A 1 12 ? 2.507   -24.944 -1.789  1.00 55.83 ? 12  DG  A "O3'" 1 
ATOM   231 C "C2'" . DG  A 1 12 ? 0.312   -24.137 -2.302  1.00 45.68 ? 12  DG  A "C2'" 1 
ATOM   232 C "C1'" . DG  A 1 12 ? 0.276   -23.185 -1.118  1.00 42.93 ? 12  DG  A "C1'" 1 
ATOM   233 N N9    . DG  A 1 12 ? -1.011  -22.577 -0.848  1.00 37.02 ? 12  DG  A N9    1 
ATOM   234 C C8    . DG  A 1 12 ? -1.992  -22.285 -1.757  1.00 36.78 ? 12  DG  A C8    1 
ATOM   235 N N7    . DG  A 1 12 ? -3.041  -21.730 -1.215  1.00 36.72 ? 12  DG  A N7    1 
ATOM   236 C C5    . DG  A 1 12 ? -2.732  -21.652 0.135   1.00 35.42 ? 12  DG  A C5    1 
ATOM   237 C C6    . DG  A 1 12 ? -3.481  -21.130 1.224   1.00 35.81 ? 12  DG  A C6    1 
ATOM   238 O O6    . DG  A 1 12 ? -4.606  -20.621 1.221   1.00 31.82 ? 12  DG  A O6    1 
ATOM   239 N N1    . DG  A 1 12 ? -2.785  -21.242 2.417   1.00 37.89 ? 12  DG  A N1    1 
ATOM   240 C C2    . DG  A 1 12 ? -1.534  -21.783 2.552   1.00 37.60 ? 12  DG  A C2    1 
ATOM   241 N N2    . DG  A 1 12 ? -1.029  -21.801 3.792   1.00 43.15 ? 12  DG  A N2    1 
ATOM   242 N N3    . DG  A 1 12 ? -0.827  -22.267 1.550   1.00 36.60 ? 12  DG  A N3    1 
ATOM   243 C C4    . DG  A 1 12 ? -1.484  -22.171 0.378   1.00 35.49 ? 12  DG  A C4    1 
ATOM   244 O "O5'" . DC  B 1 1  ? -6.835  -17.254 9.367   1.00 63.46 ? 13  DC  B "O5'" 1 
ATOM   245 C "C5'" . DC  B 1 1  ? -6.926  -18.641 9.781   1.00 59.34 ? 13  DC  B "C5'" 1 
ATOM   246 C "C4'" . DC  B 1 1  ? -5.593  -19.331 9.978   1.00 56.20 ? 13  DC  B "C4'" 1 
ATOM   247 O "O4'" . DC  B 1 1  ? -5.254  -20.135 8.829   1.00 54.47 ? 13  DC  B "O4'" 1 
ATOM   248 C "C3'" . DC  B 1 1  ? -4.402  -18.409 10.205  1.00 55.41 ? 13  DC  B "C3'" 1 
ATOM   249 O "O3'" . DC  B 1 1  ? -3.517  -19.005 11.153  1.00 59.27 ? 13  DC  B "O3'" 1 
ATOM   250 C "C2'" . DC  B 1 1  ? -3.774  -18.280 8.834   1.00 51.19 ? 13  DC  B "C2'" 1 
ATOM   251 C "C1'" . DC  B 1 1  ? -4.150  -19.575 8.124   1.00 51.37 ? 13  DC  B "C1'" 1 
ATOM   252 N N1    . DC  B 1 1  ? -4.589  -19.351 6.730   1.00 46.36 ? 13  DC  B N1    1 
ATOM   253 C C2    . DC  B 1 1  ? -3.807  -19.837 5.684   1.00 44.81 ? 13  DC  B C2    1 
ATOM   254 O O2    . DC  B 1 1  ? -2.759  -20.444 5.944   1.00 42.03 ? 13  DC  B O2    1 
ATOM   255 N N3    . DC  B 1 1  ? -4.211  -19.633 4.411   1.00 45.99 ? 13  DC  B N3    1 
ATOM   256 C C4    . DC  B 1 1  ? -5.341  -18.968 4.170   1.00 46.58 ? 13  DC  B C4    1 
ATOM   257 N N4    . DC  B 1 1  ? -5.702  -18.786 2.900   1.00 46.61 ? 13  DC  B N4    1 
ATOM   258 C C5    . DC  B 1 1  ? -6.153  -18.461 5.217   1.00 44.85 ? 13  DC  B C5    1 
ATOM   259 C C6    . DC  B 1 1  ? -5.745  -18.674 6.469   1.00 43.86 ? 13  DC  B C6    1 
ATOM   260 P P     . DG  B 1 2  ? -2.218  -18.201 11.649  1.00 58.94 ? 14  DG  B P     1 
ATOM   261 O OP1   . DG  B 1 2  ? -1.755  -18.882 12.885  1.00 61.02 ? 14  DG  B OP1   1 
ATOM   262 O OP2   . DG  B 1 2  ? -2.530  -16.744 11.677  1.00 56.48 ? 14  DG  B OP2   1 
ATOM   263 O "O5'" . DG  B 1 2  ? -1.165  -18.483 10.490  1.00 52.72 ? 14  DG  B "O5'" 1 
ATOM   264 C "C5'" . DG  B 1 2  ? -0.491  -19.731 10.418  1.00 41.94 ? 14  DG  B "C5'" 1 
ATOM   265 C "C4'" . DG  B 1 2  ? 0.708   -19.624 9.509   1.00 37.00 ? 14  DG  B "C4'" 1 
ATOM   266 O "O4'" . DG  B 1 2  ? 0.256   -19.485 8.150   1.00 35.96 ? 14  DG  B "O4'" 1 
ATOM   267 C "C3'" . DG  B 1 2  ? 1.651   -18.443 9.768   1.00 38.11 ? 14  DG  B "C3'" 1 
ATOM   268 O "O3'" . DG  B 1 2  ? 3.003   -18.928 9.753   1.00 39.47 ? 14  DG  B "O3'" 1 
ATOM   269 C "C2'" . DG  B 1 2  ? 1.316   -17.446 8.671   1.00 34.38 ? 14  DG  B "C2'" 1 
ATOM   270 C "C1'" . DG  B 1 2  ? 0.815   -18.323 7.544   1.00 34.45 ? 14  DG  B "C1'" 1 
ATOM   271 N N9    . DG  B 1 2  ? -0.220  -17.709 6.713   1.00 31.89 ? 14  DG  B N9    1 
ATOM   272 C C8    . DG  B 1 2  ? -1.217  -16.860 7.113   1.00 30.40 ? 14  DG  B C8    1 
ATOM   273 N N7    . DG  B 1 2  ? -2.000  -16.496 6.133   1.00 30.30 ? 14  DG  B N7    1 
ATOM   274 C C5    . DG  B 1 2  ? -1.478  -17.142 5.022   1.00 29.22 ? 14  DG  B C5    1 
ATOM   275 C C6    . DG  B 1 2  ? -1.896  -17.120 3.676   1.00 30.51 ? 14  DG  B C6    1 
ATOM   276 O O6    . DG  B 1 2  ? -2.839  -16.511 3.174   1.00 32.76 ? 14  DG  B O6    1 
ATOM   277 N N1    . DG  B 1 2  ? -1.084  -17.910 2.876   1.00 31.99 ? 14  DG  B N1    1 
ATOM   278 C C2    . DG  B 1 2  ? -0.010  -18.631 3.323   1.00 34.32 ? 14  DG  B C2    1 
ATOM   279 N N2    . DG  B 1 2  ? 0.656   -19.336 2.412   1.00 35.58 ? 14  DG  B N2    1 
ATOM   280 N N3    . DG  B 1 2  ? 0.388   -18.659 4.573   1.00 32.10 ? 14  DG  B N3    1 
ATOM   281 C C4    . DG  B 1 2  ? -0.386  -17.892 5.363   1.00 30.11 ? 14  DG  B C4    1 
ATOM   282 P P     . DC  B 1 3  ? 4.246   -17.916 9.635   1.00 36.39 ? 15  DC  B P     1 
ATOM   283 O OP1   . DC  B 1 3  ? 5.422   -18.670 10.128  1.00 37.56 ? 15  DC  B OP1   1 
ATOM   284 O OP2   . DC  B 1 3  ? 3.905   -16.594 10.204  1.00 37.65 ? 15  DC  B OP2   1 
ATOM   285 O "O5'" . DC  B 1 3  ? 4.436   -17.725 8.078   1.00 35.56 ? 15  DC  B "O5'" 1 
ATOM   286 C "C5'" . DC  B 1 3  ? 4.689   -18.850 7.268   1.00 28.52 ? 15  DC  B "C5'" 1 
ATOM   287 C "C4'" . DC  B 1 3  ? 4.976   -18.411 5.860   1.00 28.88 ? 15  DC  B "C4'" 1 
ATOM   288 O "O4'" . DC  B 1 3  ? 3.782   -17.845 5.285   1.00 27.80 ? 15  DC  B "O4'" 1 
ATOM   289 C "C3'" . DC  B 1 3  ? 6.024   -17.321 5.792   1.00 26.55 ? 15  DC  B "C3'" 1 
ATOM   290 O "O3'" . DC  B 1 3  ? 7.174   -17.775 5.143   1.00 30.54 ? 15  DC  B "O3'" 1 
ATOM   291 C "C2'" . DC  B 1 3  ? 5.362   -16.156 5.095   1.00 28.95 ? 15  DC  B "C2'" 1 
ATOM   292 C "C1'" . DC  B 1 3  ? 4.068   -16.691 4.545   1.00 23.86 ? 15  DC  B "C1'" 1 
ATOM   293 N N1    . DC  B 1 3  ? 3.013   -15.756 4.803   1.00 22.19 ? 15  DC  B N1    1 
ATOM   294 C C2    . DC  B 1 3  ? 2.054   -15.557 3.859   1.00 20.68 ? 15  DC  B C2    1 
ATOM   295 O O2    . DC  B 1 3  ? 2.111   -16.202 2.805   1.00 22.57 ? 15  DC  B O2    1 
ATOM   296 N N3    . DC  B 1 3  ? 1.071   -14.676 4.091   1.00 22.40 ? 15  DC  B N3    1 
ATOM   297 C C4    . DC  B 1 3  ? 1.033   -14.012 5.236   1.00 23.48 ? 15  DC  B C4    1 
ATOM   298 N N4    . DC  B 1 3  ? 0.031   -13.146 5.425   1.00 23.89 ? 15  DC  B N4    1 
ATOM   299 C C5    . DC  B 1 3  ? 2.008   -14.203 6.236   1.00 24.38 ? 15  DC  B C5    1 
ATOM   300 C C6    . DC  B 1 3  ? 2.975   -15.078 5.979   1.00 23.68 ? 15  DC  B C6    1 
ATOM   301 P P     . DG  B 1 4  ? 8.432   -16.807 5.043   1.00 34.92 ? 16  DG  B P     1 
ATOM   302 O OP1   . DG  B 1 4  ? 9.589   -17.685 5.310   1.00 40.12 ? 16  DG  B OP1   1 
ATOM   303 O OP2   . DG  B 1 4  ? 8.178   -15.633 5.907   1.00 31.26 ? 16  DG  B OP2   1 
ATOM   304 O "O5'" . DG  B 1 4  ? 8.416   -16.362 3.521   1.00 31.36 ? 16  DG  B "O5'" 1 
ATOM   305 C "C5'" . DG  B 1 4  ? 8.495   -17.362 2.514   1.00 29.12 ? 16  DG  B "C5'" 1 
ATOM   306 C "C4'" . DG  B 1 4  ? 8.039   -16.804 1.194   1.00 29.03 ? 16  DG  B "C4'" 1 
ATOM   307 O "O4'" . DG  B 1 4  ? 6.736   -16.194 1.382   1.00 28.73 ? 16  DG  B "O4'" 1 
ATOM   308 C "C3'" . DG  B 1 4  ? 8.942   -15.708 0.636   1.00 31.38 ? 16  DG  B "C3'" 1 
ATOM   309 O "O3'" . DG  B 1 4  ? 9.212   -16.000 -0.744  1.00 39.17 ? 16  DG  B "O3'" 1 
ATOM   310 C "C2'" . DG  B 1 4  ? 8.188   -14.417 0.904   1.00 30.60 ? 16  DG  B "C2'" 1 
ATOM   311 C "C1'" . DG  B 1 4  ? 6.733   -14.850 0.920   1.00 26.79 ? 16  DG  B "C1'" 1 
ATOM   312 N N9    . DG  B 1 4  ? 5.917   -14.058 1.835   1.00 22.52 ? 16  DG  B N9    1 
ATOM   313 C C8    . DG  B 1 4  ? 6.232   -13.710 3.121   1.00 21.53 ? 16  DG  B C8    1 
ATOM   314 N N7    . DG  B 1 4  ? 5.302   -13.000 3.702   1.00 21.48 ? 16  DG  B N7    1 
ATOM   315 C C5    . DG  B 1 4  ? 4.317   -12.863 2.737   1.00 19.92 ? 16  DG  B C5    1 
ATOM   316 C C6    . DG  B 1 4  ? 3.073   -12.182 2.780   1.00 23.74 ? 16  DG  B C6    1 
ATOM   317 O O6    . DG  B 1 4  ? 2.567   -11.543 3.711   1.00 29.54 ? 16  DG  B O6    1 
ATOM   318 N N1    . DG  B 1 4  ? 2.386   -12.292 1.581   1.00 23.08 ? 16  DG  B N1    1 
ATOM   319 C C2    . DG  B 1 4  ? 2.835   -12.969 0.482   1.00 27.56 ? 16  DG  B C2    1 
ATOM   320 N N2    . DG  B 1 4  ? 2.023   -12.958 -0.590  1.00 30.36 ? 16  DG  B N2    1 
ATOM   321 N N3    . DG  B 1 4  ? 3.991   -13.609 0.426   1.00 25.89 ? 16  DG  B N3    1 
ATOM   322 C C4    . DG  B 1 4  ? 4.677   -13.512 1.580   1.00 23.21 ? 16  DG  B C4    1 
ATOM   323 P P     . DA  B 1 5  ? 9.960   -14.927 -1.679  1.00 40.94 ? 17  DA  B P     1 
ATOM   324 O OP1   . DA  B 1 5  ? 10.689  -15.619 -2.767  1.00 42.21 ? 17  DA  B OP1   1 
ATOM   325 O OP2   . DA  B 1 5  ? 10.692  -13.978 -0.792  1.00 43.69 ? 17  DA  B OP2   1 
ATOM   326 O "O5'" . DA  B 1 5  ? 8.736   -14.166 -2.332  1.00 37.65 ? 17  DA  B "O5'" 1 
ATOM   327 C "C5'" . DA  B 1 5  ? 7.741   -14.919 -3.004  1.00 36.70 ? 17  DA  B "C5'" 1 
ATOM   328 C "C4'" . DA  B 1 5  ? 6.795   -13.993 -3.716  1.00 36.67 ? 17  DA  B "C4'" 1 
ATOM   329 O "O4'" . DA  B 1 5  ? 5.992   -13.290 -2.745  1.00 37.87 ? 17  DA  B "O4'" 1 
ATOM   330 C "C3'" . DA  B 1 5  ? 7.524   -12.921 -4.513  1.00 39.92 ? 17  DA  B "C3'" 1 
ATOM   331 O "O3'" . DA  B 1 5  ? 6.867   -12.757 -5.762  1.00 44.08 ? 17  DA  B "O3'" 1 
ATOM   332 C "C2'" . DA  B 1 5  ? 7.469   -11.697 -3.611  1.00 38.32 ? 17  DA  B "C2'" 1 
ATOM   333 C "C1'" . DA  B 1 5  ? 6.160   -11.878 -2.871  1.00 33.56 ? 17  DA  B "C1'" 1 
ATOM   334 N N9    . DA  B 1 5  ? 6.126   -11.301 -1.512  1.00 26.43 ? 17  DA  B N9    1 
ATOM   335 C C8    . DA  B 1 5  ? 7.097   -11.369 -0.552  1.00 20.73 ? 17  DA  B C8    1 
ATOM   336 N N7    . DA  B 1 5  ? 6.764   -10.795 0.577   1.00 20.86 ? 17  DA  B N7    1 
ATOM   337 C C5    . DA  B 1 5  ? 5.487   -10.307 0.339   1.00 20.69 ? 17  DA  B C5    1 
ATOM   338 C C6    . DA  B 1 5  ? 4.577   -9.597  1.145   1.00 24.03 ? 17  DA  B C6    1 
ATOM   339 N N6    . DA  B 1 5  ? 4.824   -9.237  2.411   1.00 26.57 ? 17  DA  B N6    1 
ATOM   340 N N1    . DA  B 1 5  ? 3.385   -9.262  0.600   1.00 24.25 ? 17  DA  B N1    1 
ATOM   341 C C2    . DA  B 1 5  ? 3.143   -9.622  -0.665  1.00 22.67 ? 17  DA  B C2    1 
ATOM   342 N N3    . DA  B 1 5  ? 3.919   -10.290 -1.515  1.00 23.46 ? 17  DA  B N3    1 
ATOM   343 C C4    . DA  B 1 5  ? 5.087   -10.605 -0.946  1.00 21.09 ? 17  DA  B C4    1 
ATOM   344 P P     . DA  B 1 6  ? 7.249   -11.530 -6.717  1.00 49.33 ? 18  DA  B P     1 
ATOM   345 O OP1   . DA  B 1 6  ? 6.775   -11.932 -8.065  1.00 52.89 ? 18  DA  B OP1   1 
ATOM   346 O OP2   . DA  B 1 6  ? 8.675   -11.137 -6.512  1.00 46.46 ? 18  DA  B OP2   1 
ATOM   347 O "O5'" . DA  B 1 6  ? 6.285   -10.368 -6.215  1.00 44.48 ? 18  DA  B "O5'" 1 
ATOM   348 C "C5'" . DA  B 1 6  ? 4.880   -10.512 -6.380  1.00 39.48 ? 18  DA  B "C5'" 1 
ATOM   349 C "C4'" . DA  B 1 6  ? 4.181   -9.215  -6.064  1.00 35.68 ? 18  DA  B "C4'" 1 
ATOM   350 O "O4'" . DA  B 1 6  ? 4.347   -8.928  -4.662  1.00 35.88 ? 18  DA  B "O4'" 1 
ATOM   351 C "C3'" . DA  B 1 6  ? 4.725   -7.998  -6.810  1.00 35.82 ? 18  DA  B "C3'" 1 
ATOM   352 O "O3'" . DA  B 1 6  ? 3.625   -7.221  -7.300  1.00 39.05 ? 18  DA  B "O3'" 1 
ATOM   353 C "C2'" . DA  B 1 6  ? 5.589   -7.303  -5.780  1.00 30.35 ? 18  DA  B "C2'" 1 
ATOM   354 C "C1'" . DA  B 1 6  ? 4.857   -7.618  -4.495  1.00 28.66 ? 18  DA  B "C1'" 1 
ATOM   355 N N9    . DA  B 1 6  ? 5.674   -7.597  -3.270  1.00 24.79 ? 18  DA  B N9    1 
ATOM   356 C C8    . DA  B 1 6  ? 6.924   -8.137  -3.076  1.00 23.93 ? 18  DA  B C8    1 
ATOM   357 N N7    . DA  B 1 6  ? 7.404   -7.949  -1.870  1.00 21.39 ? 18  DA  B N7    1 
ATOM   358 C C5    . DA  B 1 6  ? 6.395   -7.246  -1.223  1.00 20.94 ? 18  DA  B C5    1 
ATOM   359 C C6    . DA  B 1 6  ? 6.287   -6.760  0.074   1.00 21.23 ? 18  DA  B C6    1 
ATOM   360 N N6    . DA  B 1 6  ? 7.229   -6.939  0.989   1.00 21.65 ? 18  DA  B N6    1 
ATOM   361 N N1    . DA  B 1 6  ? 5.172   -6.080  0.405   1.00 23.37 ? 18  DA  B N1    1 
ATOM   362 C C2    . DA  B 1 6  ? 4.223   -5.924  -0.525  1.00 21.47 ? 18  DA  B C2    1 
ATOM   363 N N3    . DA  B 1 6  ? 4.197   -6.358  -1.780  1.00 24.21 ? 18  DA  B N3    1 
ATOM   364 C C4    . DA  B 1 6  ? 5.329   -7.018  -2.071  1.00 22.29 ? 18  DA  B C4    1 
ATOM   365 P P     . DT  B 1 7  ? 3.883   -5.813  -8.030  1.00 39.91 ? 19  DT  B P     1 
ATOM   366 O OP1   . DT  B 1 7  ? 2.969   -5.715  -9.191  1.00 43.06 ? 19  DT  B OP1   1 
ATOM   367 O OP2   . DT  B 1 7  ? 5.346   -5.661  -8.212  1.00 37.48 ? 19  DT  B OP2   1 
ATOM   368 O "O5'" . DT  B 1 7  ? 3.430   -4.723  -6.969  1.00 34.05 ? 19  DT  B "O5'" 1 
ATOM   369 C "C5'" . DT  B 1 7  ? 2.192   -4.872  -6.296  1.00 31.79 ? 19  DT  B "C5'" 1 
ATOM   370 C "C4'" . DT  B 1 7  ? 1.988   -3.756  -5.306  1.00 30.49 ? 19  DT  B "C4'" 1 
ATOM   371 O "O4'" . DT  B 1 7  ? 2.785   -3.934  -4.117  1.00 29.91 ? 19  DT  B "O4'" 1 
ATOM   372 C "C3'" . DT  B 1 7  ? 2.347   -2.394  -5.859  1.00 31.20 ? 19  DT  B "C3'" 1 
ATOM   373 O "O3'" . DT  B 1 7  ? 1.240   -1.535  -5.675  1.00 35.89 ? 19  DT  B "O3'" 1 
ATOM   374 C "C2'" . DT  B 1 7  ? 3.615   -1.999  -5.123  1.00 30.28 ? 19  DT  B "C2'" 1 
ATOM   375 C "C1'" . DT  B 1 7  ? 3.519   -2.759  -3.817  1.00 28.96 ? 19  DT  B "C1'" 1 
ATOM   376 N N1    . DT  B 1 7  ? 4.859   -3.181  -3.222  1.00 25.03 ? 19  DT  B N1    1 
ATOM   377 C C2    . DT  B 1 7  ? 5.032   -3.081  -1.869  1.00 23.18 ? 19  DT  B C2    1 
ATOM   378 O O2    . DT  B 1 7  ? 4.180   -2.643  -1.126  1.00 29.85 ? 19  DT  B O2    1 
ATOM   379 N N3    . DT  B 1 7  ? 6.250   -3.510  -1.412  1.00 22.98 ? 19  DT  B N3    1 
ATOM   380 C C4    . DT  B 1 7  ? 7.293   -4.020  -2.160  1.00 22.55 ? 19  DT  B C4    1 
ATOM   381 O O4    . DT  B 1 7  ? 8.323   -4.378  -1.609  1.00 29.57 ? 19  DT  B O4    1 
ATOM   382 C C5    . DT  B 1 7  ? 7.054   -4.087  -3.570  1.00 24.26 ? 19  DT  B C5    1 
ATOM   383 C C7    . DT  B 1 7  ? 8.129   -4.641  -4.461  1.00 23.89 ? 19  DT  B C7    1 
ATOM   384 C C6    . DT  B 1 7  ? 5.869   -3.658  -4.029  1.00 23.71 ? 19  DT  B C6    1 
ATOM   385 P P     . DT  B 1 8  ? 1.306   -0.024  -6.218  1.00 42.70 ? 20  DT  B P     1 
ATOM   386 O OP1   . DT  B 1 8  ? -0.077  0.383   -6.585  1.00 46.40 ? 20  DT  B OP1   1 
ATOM   387 O OP2   . DT  B 1 8  ? 2.390   0.065   -7.232  1.00 42.02 ? 20  DT  B OP2   1 
ATOM   388 O "O5'" . DT  B 1 8  ? 1.747   0.771   -4.912  1.00 41.56 ? 20  DT  B "O5'" 1 
ATOM   389 C "C5'" . DT  B 1 8  ? 0.941   0.661   -3.746  1.00 38.65 ? 20  DT  B "C5'" 1 
ATOM   390 C "C4'" . DT  B 1 8  ? 1.538   1.436   -2.602  1.00 33.75 ? 20  DT  B "C4'" 1 
ATOM   391 O "O4'" . DT  B 1 8  ? 2.762   0.819   -2.154  1.00 30.29 ? 20  DT  B "O4'" 1 
ATOM   392 C "C3'" . DT  B 1 8  ? 1.883   2.875   -2.942  1.00 34.67 ? 20  DT  B "C3'" 1 
ATOM   393 O "O3'" . DT  B 1 8  ? 1.101   3.707   -2.101  1.00 38.10 ? 20  DT  B "O3'" 1 
ATOM   394 C "C2'" . DT  B 1 8  ? 3.399   2.963   -2.786  1.00 31.97 ? 20  DT  B "C2'" 1 
ATOM   395 C "C1'" . DT  B 1 8  ? 3.739   1.790   -1.887  1.00 27.69 ? 20  DT  B "C1'" 1 
ATOM   396 N N1    . DT  B 1 8  ? 5.018   1.151   -2.109  1.00 27.77 ? 20  DT  B N1    1 
ATOM   397 C C2    . DT  B 1 8  ? 5.864   0.955   -1.027  1.00 32.75 ? 20  DT  B C2    1 
ATOM   398 O O2    . DT  B 1 8  ? 5.614   1.331   0.117   1.00 33.14 ? 20  DT  B O2    1 
ATOM   399 N N3    . DT  B 1 8  ? 7.026   0.295   -1.331  1.00 29.31 ? 20  DT  B N3    1 
ATOM   400 C C4    . DT  B 1 8  ? 7.418   -0.167  -2.572  1.00 29.96 ? 20  DT  B C4    1 
ATOM   401 O O4    . DT  B 1 8  ? 8.491   -0.747  -2.691  1.00 35.59 ? 20  DT  B O4    1 
ATOM   402 C C5    . DT  B 1 8  ? 6.495   0.084   -3.648  1.00 24.50 ? 20  DT  B C5    1 
ATOM   403 C C7    . DT  B 1 8  ? 6.847   -0.394  -5.022  1.00 26.19 ? 20  DT  B C7    1 
ATOM   404 C C6    . DT  B 1 8  ? 5.362   0.724   -3.370  1.00 26.18 ? 20  DT  B C6    1 
ATOM   405 P P     . DC  B 1 9  ? 1.250   5.291   -2.199  1.00 39.24 ? 21  DC  B P     1 
ATOM   406 O OP1   . DC  B 1 9  ? -0.010  5.908   -1.710  1.00 41.12 ? 21  DC  B OP1   1 
ATOM   407 O OP2   . DC  B 1 9  ? 1.757   5.597   -3.554  1.00 42.57 ? 21  DC  B OP2   1 
ATOM   408 O "O5'" . DC  B 1 9  ? 2.429   5.573   -1.176  1.00 41.40 ? 21  DC  B "O5'" 1 
ATOM   409 C "C5'" . DC  B 1 9  ? 2.327   5.094   0.156   1.00 39.07 ? 21  DC  B "C5'" 1 
ATOM   410 C "C4'" . DC  B 1 9  ? 3.517   5.542   0.961   1.00 37.40 ? 21  DC  B "C4'" 1 
ATOM   411 O "O4'" . DC  B 1 9  ? 4.675   4.708   0.748   1.00 34.77 ? 21  DC  B "O4'" 1 
ATOM   412 C "C3'" . DC  B 1 9  ? 3.943   6.972   0.660   1.00 38.99 ? 21  DC  B "C3'" 1 
ATOM   413 O "O3'" . DC  B 1 9  ? 3.838   7.711   1.868   1.00 45.17 ? 21  DC  B "O3'" 1 
ATOM   414 C "C2'" . DC  B 1 9  ? 5.341   6.836   0.067   1.00 34.25 ? 21  DC  B "C2'" 1 
ATOM   415 C "C1'" . DC  B 1 9  ? 5.833   5.522   0.642   1.00 31.26 ? 21  DC  B "C1'" 1 
ATOM   416 N N1    . DC  B 1 9  ? 6.795   4.791   -0.182  1.00 24.59 ? 21  DC  B N1    1 
ATOM   417 C C2    . DC  B 1 9  ? 7.907   4.218   0.425   1.00 23.58 ? 21  DC  B C2    1 
ATOM   418 O O2    . DC  B 1 9  ? 8.065   4.366   1.635   1.00 25.02 ? 21  DC  B O2    1 
ATOM   419 N N3    . DC  B 1 9  ? 8.782   3.508   -0.319  1.00 20.54 ? 21  DC  B N3    1 
ATOM   420 C C4    . DC  B 1 9  ? 8.563   3.361   -1.622  1.00 21.36 ? 21  DC  B C4    1 
ATOM   421 N N4    . DC  B 1 9  ? 9.424   2.650   -2.322  1.00 21.61 ? 21  DC  B N4    1 
ATOM   422 C C5    . DC  B 1 9  ? 7.446   3.942   -2.269  1.00 22.96 ? 21  DC  B C5    1 
ATOM   423 C C6    . DC  B 1 9  ? 6.598   4.650   -1.520  1.00 23.81 ? 21  DC  B C6    1 
ATOM   424 P P     . DG  B 1 10 ? 3.954   9.301   1.841   1.00 47.39 ? 22  DG  B P     1 
ATOM   425 O OP1   . DG  B 1 10 ? 3.163   9.842   2.976   1.00 46.92 ? 22  DG  B OP1   1 
ATOM   426 O OP2   . DG  B 1 10 ? 3.647   9.721   0.446   1.00 48.17 ? 22  DG  B OP2   1 
ATOM   427 O "O5'" . DG  B 1 10 ? 5.489   9.523   2.164   1.00 45.64 ? 22  DG  B "O5'" 1 
ATOM   428 C "C5'" . DG  B 1 10 ? 5.983   9.033   3.386   1.00 40.32 ? 22  DG  B "C5'" 1 
ATOM   429 C "C4'" . DG  B 1 10 ? 7.474   9.207   3.465   1.00 41.11 ? 22  DG  B "C4'" 1 
ATOM   430 O "O4'" . DG  B 1 10 ? 8.187   8.310   2.594   1.00 40.85 ? 22  DG  B "O4'" 1 
ATOM   431 C "C3'" . DG  B 1 10 ? 8.010   10.601  3.188   1.00 40.44 ? 22  DG  B "C3'" 1 
ATOM   432 O "O3'" . DG  B 1 10 ? 8.761   10.896  4.353   1.00 43.73 ? 22  DG  B "O3'" 1 
ATOM   433 C "C2'" . DG  B 1 10 ? 8.774   10.459  1.881   1.00 36.76 ? 22  DG  B "C2'" 1 
ATOM   434 C "C1'" . DG  B 1 10 ? 9.203   9.003   1.893   1.00 35.70 ? 22  DG  B "C1'" 1 
ATOM   435 N N9    . DG  B 1 10 ? 9.330   8.355   0.594   1.00 32.10 ? 22  DG  B N9    1 
ATOM   436 C C8    . DG  B 1 10 ? 8.541   8.548   -0.523  1.00 30.14 ? 22  DG  B C8    1 
ATOM   437 N N7    . DG  B 1 10 ? 8.883   7.782   -1.526  1.00 26.30 ? 22  DG  B N7    1 
ATOM   438 C C5    . DG  B 1 10 ? 9.965   7.042   -1.043  1.00 26.75 ? 22  DG  B C5    1 
ATOM   439 C C6    . DG  B 1 10 ? 10.753  6.048   -1.663  1.00 27.02 ? 22  DG  B C6    1 
ATOM   440 O O6    . DG  B 1 10 ? 10.666  5.593   -2.800  1.00 34.70 ? 22  DG  B O6    1 
ATOM   441 N N1    . DG  B 1 10 ? 11.732  5.571   -0.824  1.00 24.94 ? 22  DG  B N1    1 
ATOM   442 C C2    . DG  B 1 10 ? 11.938  5.987   0.448   1.00 22.92 ? 22  DG  B C2    1 
ATOM   443 N N2    . DG  B 1 10 ? 12.943  5.393   1.066   1.00 22.93 ? 22  DG  B N2    1 
ATOM   444 N N3    . DG  B 1 10 ? 11.223  6.905   1.054   1.00 22.74 ? 22  DG  B N3    1 
ATOM   445 C C4    . DG  B 1 10 ? 10.256  7.390   0.256   1.00 26.22 ? 22  DG  B C4    1 
ATOM   446 P P     . DC  B 1 11 ? 9.542   12.272  4.498   1.00 46.17 ? 23  DC  B P     1 
ATOM   447 O OP1   . DC  B 1 11 ? 9.240   12.685  5.885   1.00 50.07 ? 23  DC  B OP1   1 
ATOM   448 O OP2   . DC  B 1 11 ? 9.207   13.181  3.368   1.00 49.00 ? 23  DC  B OP2   1 
ATOM   449 O "O5'" . DC  B 1 11 ? 11.051  11.788  4.409   1.00 45.86 ? 23  DC  B "O5'" 1 
ATOM   450 C "C5'" . DC  B 1 11 ? 11.547  10.914  5.426   1.00 39.26 ? 23  DC  B "C5'" 1 
ATOM   451 C "C4'" . DC  B 1 11 ? 13.004  10.599  5.196   1.00 37.75 ? 23  DC  B "C4'" 1 
ATOM   452 O "O4'" . DC  B 1 11 ? 13.083  9.711   4.061   1.00 32.90 ? 23  DC  B "O4'" 1 
ATOM   453 C "C3'" . DC  B 1 11 ? 13.861  11.822  4.866   1.00 36.96 ? 23  DC  B "C3'" 1 
ATOM   454 O "O3'" . DC  B 1 11 ? 14.984  12.004  5.727   1.00 39.88 ? 23  DC  B "O3'" 1 
ATOM   455 C "C2'" . DC  B 1 11 ? 14.272  11.633  3.426   1.00 37.11 ? 23  DC  B "C2'" 1 
ATOM   456 C "C1'" . DC  B 1 11 ? 14.043  10.163  3.130   1.00 34.12 ? 23  DC  B "C1'" 1 
ATOM   457 N N1    . DC  B 1 11 ? 13.467  10.043  1.786   1.00 29.03 ? 23  DC  B N1    1 
ATOM   458 C C2    . DC  B 1 11 ? 14.020  9.147   0.895   1.00 27.38 ? 23  DC  B C2    1 
ATOM   459 O O2    . DC  B 1 11 ? 14.958  8.439   1.264   1.00 26.85 ? 23  DC  B O2    1 
ATOM   460 N N3    . DC  B 1 11 ? 13.526  9.066   -0.353  1.00 27.74 ? 23  DC  B N3    1 
ATOM   461 C C4    . DC  B 1 11 ? 12.507  9.842   -0.711  1.00 30.33 ? 23  DC  B C4    1 
ATOM   462 N N4    . DC  B 1 11 ? 12.046  9.728   -1.964  1.00 32.51 ? 23  DC  B N4    1 
ATOM   463 C C5    . DC  B 1 11 ? 11.908  10.762  0.192   1.00 27.94 ? 23  DC  B C5    1 
ATOM   464 C C6    . DC  B 1 11 ? 12.414  10.827  1.419   1.00 26.36 ? 23  DC  B C6    1 
ATOM   465 P P     . DG  B 1 12 ? 15.985  13.243  5.465   1.00 44.14 ? 24  DG  B P     1 
ATOM   466 O OP1   . DG  B 1 12 ? 16.650  13.633  6.736   1.00 47.54 ? 24  DG  B OP1   1 
ATOM   467 O OP2   . DG  B 1 12 ? 15.270  14.272  4.666   1.00 42.74 ? 24  DG  B OP2   1 
ATOM   468 O "O5'" . DG  B 1 12 ? 17.100  12.591  4.546   1.00 38.43 ? 24  DG  B "O5'" 1 
ATOM   469 C "C5'" . DG  B 1 12 ? 17.836  11.486  5.040   1.00 35.89 ? 24  DG  B "C5'" 1 
ATOM   470 C "C4'" . DG  B 1 12 ? 18.830  11.025  4.007   1.00 34.20 ? 24  DG  B "C4'" 1 
ATOM   471 O "O4'" . DG  B 1 12 ? 18.123  10.539  2.840   1.00 31.64 ? 24  DG  B "O4'" 1 
ATOM   472 C "C3'" . DG  B 1 12 ? 19.779  12.120  3.528   1.00 33.42 ? 24  DG  B "C3'" 1 
ATOM   473 O "O3'" . DG  B 1 12 ? 21.073  11.583  3.307   1.00 37.81 ? 24  DG  B "O3'" 1 
ATOM   474 C "C2'" . DG  B 1 12 ? 19.191  12.532  2.196   1.00 33.54 ? 24  DG  B "C2'" 1 
ATOM   475 C "C1'" . DG  B 1 12 ? 18.570  11.241  1.684   1.00 30.94 ? 24  DG  B "C1'" 1 
ATOM   476 N N9    . DG  B 1 12 ? 17.416  11.528  0.857   1.00 23.90 ? 24  DG  B N9    1 
ATOM   477 C C8    . DG  B 1 12 ? 16.380  12.365  1.176   1.00 24.90 ? 24  DG  B C8    1 
ATOM   478 N N7    . DG  B 1 12 ? 15.486  12.462  0.235   1.00 24.08 ? 24  DG  B N7    1 
ATOM   479 C C5    . DG  B 1 12 ? 15.961  11.633  -0.768  1.00 21.10 ? 24  DG  B C5    1 
ATOM   480 C C6    . DG  B 1 12 ? 15.412  11.336  -2.027  1.00 19.78 ? 24  DG  B C6    1 
ATOM   481 O O6    . DG  B 1 12 ? 14.361  11.764  -2.523  1.00 20.83 ? 24  DG  B O6    1 
ATOM   482 N N1    . DG  B 1 12 ? 16.211  10.441  -2.734  1.00 18.30 ? 24  DG  B N1    1 
ATOM   483 C C2    . DG  B 1 12 ? 17.388  9.905   -2.267  1.00 19.11 ? 24  DG  B C2    1 
ATOM   484 N N2    . DG  B 1 12 ? 18.023  9.046   -3.069  1.00 19.80 ? 24  DG  B N2    1 
ATOM   485 N N3    . DG  B 1 12 ? 17.912  10.184  -1.087  1.00 20.05 ? 24  DG  B N3    1 
ATOM   486 C C4    . DG  B 1 12 ? 17.149  11.047  -0.397  1.00 20.46 ? 24  DG  B C4    1 
HETATM 487 C C7    . D24 C 2 .  ? 3.789   2.574   3.346   1.00 35.67 ? 25  D24 B C7    1 
HETATM 488 N N2    . D24 C 2 .  ? 3.411   3.194   4.405   1.00 41.46 ? 25  D24 B N2    1 
HETATM 489 N N1    . D24 C 2 .  ? 5.026   2.465   3.072   1.00 36.94 ? 25  D24 B N1    1 
HETATM 490 C C8    . D24 C 2 .  ? 3.313   4.466   4.668   1.00 45.98 ? 25  D24 B C8    1 
HETATM 491 C C9    . D24 C 2 .  ? 4.466   5.360   4.398   1.00 47.09 ? 25  D24 B C9    1 
HETATM 492 C C10   . D24 C 2 .  ? 4.830   5.979   5.723   1.00 48.72 ? 25  D24 B C10   1 
HETATM 493 C C11   . D24 C 2 .  ? 4.048   5.333   6.778   1.00 49.54 ? 25  D24 B C11   1 
HETATM 494 C C12   . D24 C 2 .  ? 3.279   4.237   6.165   1.00 47.11 ? 25  D24 B C12   1 
HETATM 495 C C1    . D24 C 2 .  ? 0.906   0.683   0.862   1.00 31.68 ? 25  D24 B C1    1 
HETATM 496 C C2    . D24 C 2 .  ? 0.597   1.916   1.455   1.00 33.77 ? 25  D24 B C2    1 
HETATM 497 C C3    . D24 C 2 .  ? 1.556   2.561   2.293   1.00 34.69 ? 25  D24 B C3    1 
HETATM 498 C C4    . D24 C 2 .  ? 2.798   1.954   2.509   1.00 34.49 ? 25  D24 B C4    1 
HETATM 499 C C5    . D24 C 2 .  ? 3.111   0.734   1.927   1.00 34.22 ? 25  D24 B C5    1 
HETATM 500 C C6    . D24 C 2 .  ? 2.158   0.093   1.099   1.00 33.11 ? 25  D24 B C6    1 
HETATM 501 C CA    . D24 C 2 .  ? 0.000   0.000   0.000   1.00 30.93 ? 25  D24 B CA    1 
HETATM 502 O O1    . D24 C 2 .  ? 0.443   -1.213  -0.530  1.00 28.51 ? 25  D24 B O1    1 
HETATM 503 C CB    . D24 C 2 .  ? -1.272  0.314   -0.436  1.00 31.34 ? 25  D24 B CB    1 
HETATM 504 C "CB'" . D24 C 2 .  ? -1.664  -0.768  -1.286  1.00 29.80 ? 25  D24 B "CB'" 1 
HETATM 505 C "CA'" . D24 C 2 .  ? -0.612  -1.651  -1.274  1.00 28.05 ? 25  D24 B "CA'" 1 
HETATM 506 C "C1'" . D24 C 2 .  ? -0.427  -2.928  -1.855  1.00 29.20 ? 25  D24 B "C1'" 1 
HETATM 507 C "C2'" . D24 C 2 .  ? -1.452  -3.522  -2.619  1.00 30.52 ? 25  D24 B "C2'" 1 
HETATM 508 C "C3'" . D24 C 2 .  ? -1.276  -4.798  -3.160  1.00 32.36 ? 25  D24 B "C3'" 1 
HETATM 509 C "C4'" . D24 C 2 .  ? -0.061  -5.478  -2.916  1.00 33.49 ? 25  D24 B "C4'" 1 
HETATM 510 C "C5'" . D24 C 2 .  ? 0.934   -4.857  -2.151  1.00 31.50 ? 25  D24 B "C5'" 1 
HETATM 511 C "C6'" . D24 C 2 .  ? 0.763   -3.582  -1.615  1.00 27.34 ? 25  D24 B "C6'" 1 
HETATM 512 C "C7'" . D24 C 2 .  ? 0.208   -6.867  -3.433  1.00 37.56 ? 25  D24 B "C7'" 1 
HETATM 513 N "N2'" . D24 C 2 .  ? -0.047  -7.326  -4.687  1.00 41.05 ? 25  D24 B "N2'" 1 
HETATM 514 N "N1'" . D24 C 2 .  ? 0.697   -7.754  -2.558  1.00 36.92 ? 25  D24 B "N1'" 1 
HETATM 515 C "C8'" . D24 C 2 .  ? 0.416   -8.519  -5.115  1.00 42.51 ? 25  D24 B "C8'" 1 
HETATM 516 C "C9'" . D24 C 2 .  ? 1.214   -8.450  -6.377  1.00 42.64 ? 25  D24 B "C9'" 1 
HETATM 517 C CAX   . D24 C 2 .  ? 0.627   -9.271  -7.490  1.00 44.68 ? 25  D24 B CAX   1 
HETATM 518 C CBX   . D24 C 2 .  ? -0.778  -9.615  -7.069  1.00 45.06 ? 25  D24 B CBX   1 
HETATM 519 C CCX   . D24 C 2 .  ? -0.800  -9.318  -5.573  1.00 45.65 ? 25  D24 B CCX   1 
HETATM 520 O O     . HOH D 3 .  ? -8.619  -9.679  -6.773  1.00 52.53 ? 26  HOH A O     1 
HETATM 521 O O     . HOH D 3 .  ? 19.709  1.443   6.540   1.00 40.25 ? 29  HOH A O     1 
HETATM 522 O O     . HOH D 3 .  ? 15.761  -0.759  -6.134  1.00 53.39 ? 31  HOH A O     1 
HETATM 523 O O     . HOH D 3 .  ? 14.221  1.763   11.841  1.00 74.66 ? 32  HOH A O     1 
HETATM 524 O O     . HOH D 3 .  ? 7.255   -3.730  9.506   1.00 66.14 ? 33  HOH A O     1 
HETATM 525 O O     . HOH D 3 .  ? 4.893   -25.553 -3.702  1.00 59.12 ? 36  HOH A O     1 
HETATM 526 O O     . HOH D 3 .  ? -7.145  -2.893  3.530   1.00 46.17 ? 37  HOH A O     1 
HETATM 527 O O     . HOH D 3 .  ? 13.844  -1.539  -2.240  1.00 43.26 ? 38  HOH A O     1 
HETATM 528 O O     . HOH D 3 .  ? -5.152  -9.010  3.043   1.00 72.07 ? 40  HOH A O     1 
HETATM 529 O O     . HOH D 3 .  ? -2.988  -19.802 -8.259  1.00 63.06 ? 44  HOH A O     1 
HETATM 530 O O     . HOH D 3 .  ? 8.516   -5.998  8.718   1.00 68.11 ? 45  HOH A O     1 
HETATM 531 O O     . HOH D 3 .  ? 0.131   3.741   8.032   1.00 52.23 ? 48  HOH A O     1 
HETATM 532 O O     . HOH D 3 .  ? 15.292  2.479   -8.153  1.00 55.09 ? 49  HOH A O     1 
HETATM 533 O O     . HOH D 3 .  ? 10.642  -5.886  6.234   1.00 70.19 ? 50  HOH A O     1 
HETATM 534 O O     . HOH D 3 .  ? 16.246  -2.873  -3.404  1.00 36.90 ? 52  HOH A O     1 
HETATM 535 O O     . HOH D 3 .  ? -5.642  -3.808  6.885   1.00 86.81 ? 54  HOH A O     1 
HETATM 536 O O     . HOH D 3 .  ? 5.892   -0.800  12.929  1.00 28.40 ? 56  HOH A O     1 
HETATM 537 O O     . HOH D 3 .  ? 16.880  7.059   -13.445 1.00 32.39 ? 59  HOH A O     1 
HETATM 538 O O     . HOH D 3 .  ? 10.230  3.453   9.424   1.00 58.31 ? 61  HOH A O     1 
HETATM 539 O O     . HOH D 3 .  ? 15.415  -4.105  1.757   1.00 54.83 ? 62  HOH A O     1 
HETATM 540 O O     . HOH D 3 .  ? -5.105  -18.558 -9.973  1.00 45.10 ? 63  HOH A O     1 
HETATM 541 O O     . HOH D 3 .  ? 13.377  -5.515  0.497   1.00 53.04 ? 66  HOH A O     1 
HETATM 542 O O     . HOH D 3 .  ? 19.388  -1.230  7.185   1.00 47.76 ? 67  HOH A O     1 
HETATM 543 O O     . HOH D 3 .  ? 10.613  2.864   -10.502 1.00 53.01 ? 71  HOH A O     1 
HETATM 544 O O     . HOH D 3 .  ? -3.579  1.407   1.503   1.00 67.21 ? 72  HOH A O     1 
HETATM 545 O O     . HOH D 3 .  ? 13.792  11.846  -11.588 1.00 44.06 ? 74  HOH A O     1 
HETATM 546 O O     . HOH D 3 .  ? 3.876   -19.531 -6.095  1.00 51.84 ? 75  HOH A O     1 
HETATM 547 O O     . HOH D 3 .  ? 3.716   0.603   13.314  1.00 42.90 ? 76  HOH A O     1 
HETATM 548 O O     . HOH D 3 .  ? 4.229   -2.705  10.540  1.00 45.85 ? 79  HOH A O     1 
HETATM 549 O O     . HOH D 3 .  ? -7.998  -11.869 -8.419  1.00 54.35 ? 82  HOH A O     1 
HETATM 550 O O     . HOH D 3 .  ? -3.770  -11.591 5.136   1.00 51.59 ? 85  HOH A O     1 
HETATM 551 O O     . HOH D 3 .  ? 10.997  -7.895  8.838   1.00 49.77 ? 88  HOH A O     1 
HETATM 552 O O     . HOH D 3 .  ? 9.939   0.134   -11.746 1.00 51.98 ? 89  HOH A O     1 
HETATM 553 O O     . HOH D 3 .  ? -10.251 -7.083  3.009   1.00 58.99 ? 90  HOH A O     1 
HETATM 554 O O     . HOH D 3 .  ? 18.623  -4.287  -2.929  1.00 79.93 ? 91  HOH A O     1 
HETATM 555 O O     . HOH D 3 .  ? -6.660  -15.853 -9.751  1.00 63.92 ? 92  HOH A O     1 
HETATM 556 O O     . HOH D 3 .  ? 20.573  2.453   -8.800  1.00 41.55 ? 97  HOH A O     1 
HETATM 557 O O     . HOH D 3 .  ? -4.530  -3.650  -3.157  1.00 73.63 ? 98  HOH A O     1 
HETATM 558 O O     . HOH D 3 .  ? 0.315   -15.616 -7.693  1.00 56.26 ? 99  HOH A O     1 
HETATM 559 O O     . HOH D 3 .  ? 13.996  -0.646  9.865   1.00 35.57 ? 101 HOH A O     1 
HETATM 560 O O     . HOH D 3 .  ? 9.064   2.120   5.652   1.00 42.69 ? 102 HOH A O     1 
HETATM 561 O O     . HOH D 3 .  ? 13.182  4.019   -9.110  1.00 74.45 ? 105 HOH A O     1 
HETATM 562 O O     . HOH D 3 .  ? 12.779  -3.995  5.790   1.00 52.88 ? 107 HOH A O     1 
HETATM 563 O O     . HOH D 3 .  ? 17.002  2.688   7.182   1.00 65.80 ? 108 HOH A O     1 
HETATM 564 O O     . HOH D 3 .  ? 9.678   -6.135  3.089   1.00 32.95 ? 109 HOH A O     1 
HETATM 565 O O     . HOH D 3 .  ? 0.348   -14.889 -2.489  1.00 69.67 ? 112 HOH A O     1 
HETATM 566 O O     . HOH D 3 .  ? 8.770   -1.411  13.595  1.00 36.61 ? 115 HOH A O     1 
HETATM 567 O O     . HOH E 3 .  ? -3.896  -14.006 6.584   1.00 33.73 ? 27  HOH B O     1 
HETATM 568 O O     . HOH E 3 .  ? 9.164   -12.761 -9.709  1.00 73.87 ? 28  HOH B O     1 
HETATM 569 O O     . HOH E 3 .  ? 0.481   3.545   4.912   1.00 37.01 ? 30  HOH B O     1 
HETATM 570 O O     . HOH E 3 .  ? -3.041  -21.152 13.225  1.00 75.48 ? 34  HOH B O     1 
HETATM 571 O O     . HOH E 3 .  ? 6.463   -3.065  -6.779  1.00 71.45 ? 35  HOH B O     1 
HETATM 572 O O     . HOH E 3 .  ? 9.061   -19.079 15.631  1.00 45.67 ? 39  HOH B O     1 
HETATM 573 O O     . HOH E 3 .  ? -1.424  -5.754  -6.471  1.00 97.53 ? 41  HOH B O     1 
HETATM 574 O O     . HOH E 3 .  ? 5.422   -11.702 5.975   1.00 63.74 ? 42  HOH B O     1 
HETATM 575 O O     . HOH E 3 .  ? 9.532   -21.693 2.595   1.00 89.67 ? 43  HOH B O     1 
HETATM 576 O O     . HOH E 3 .  ? 1.146   -15.451 13.278  1.00 47.95 ? 46  HOH B O     1 
HETATM 577 O O     . HOH E 3 .  ? 8.903   -3.027  -8.378  1.00 54.07 ? 47  HOH B O     1 
HETATM 578 O O     . HOH E 3 .  ? 8.281   3.191   -5.008  1.00 47.11 ? 51  HOH B O     1 
HETATM 579 O O     . HOH E 3 .  ? -2.936  -14.709 9.584   1.00 58.92 ? 53  HOH B O     1 
HETATM 580 O O     . HOH E 3 .  ? 10.724  -13.065 1.840   1.00 44.06 ? 55  HOH B O     1 
HETATM 581 O O     . HOH E 3 .  ? 7.509   3.098   3.920   1.00 49.31 ? 57  HOH B O     1 
HETATM 582 O O     . HOH E 3 .  ? 8.243   -21.602 8.579   1.00 89.53 ? 58  HOH B O     1 
HETATM 583 O O     . HOH E 3 .  ? -2.524  -1.176  -8.500  1.00 44.79 ? 60  HOH B O     1 
HETATM 584 O O     . HOH E 3 .  ? 3.094   -10.001 6.066   1.00 62.71 ? 64  HOH B O     1 
HETATM 585 O O     . HOH E 3 .  ? 0.636   -15.174 17.123  1.00 42.01 ? 65  HOH B O     1 
HETATM 586 O O     . HOH E 3 .  ? 20.378  9.162   4.130   1.00 62.27 ? 68  HOH B O     1 
HETATM 587 O O     . HOH E 3 .  ? 9.434   -20.073 12.326  1.00 45.60 ? 69  HOH B O     1 
HETATM 588 O O     . HOH E 3 .  ? 6.253   -19.112 13.028  1.00 75.64 ? 70  HOH B O     1 
HETATM 589 O O     . HOH E 3 .  ? -0.766  -22.042 15.529  1.00 40.30 ? 73  HOH B O     1 
HETATM 590 O O     . HOH E 3 .  ? 8.925   -20.814 5.009   1.00 68.82 ? 77  HOH B O     1 
HETATM 591 O O     . HOH E 3 .  ? 9.151   12.249  -3.289  1.00 54.58 ? 78  HOH B O     1 
HETATM 592 O O     . HOH E 3 .  ? 7.218   -19.332 7.866   1.00 61.03 ? 80  HOH B O     1 
HETATM 593 O O     . HOH E 3 .  ? 9.028   -20.390 0.306   1.00 62.00 ? 81  HOH B O     1 
HETATM 594 O O     . HOH E 3 .  ? 2.913   -20.207 13.356  1.00 43.38 ? 83  HOH B O     1 
HETATM 595 O O     . HOH E 3 .  ? 5.079   2.339   -6.567  1.00 50.95 ? 84  HOH B O     1 
HETATM 596 O O     . HOH E 3 .  ? 8.205   -15.516 8.692   1.00 50.45 ? 86  HOH B O     1 
HETATM 597 O O     . HOH E 3 .  ? -1.260  -2.653  -5.610  1.00 53.18 ? 87  HOH B O     1 
HETATM 598 O O     . HOH E 3 .  ? -1.256  8.589   0.264   1.00 60.27 ? 93  HOH B O     1 
HETATM 599 O O     . HOH E 3 .  ? 8.949   -18.738 10.164  1.00 44.13 ? 94  HOH B O     1 
HETATM 600 O O     . HOH E 3 .  ? 1.412   6.732   2.720   1.00 70.89 ? 95  HOH B O     1 
HETATM 601 O O     . HOH E 3 .  ? -3.538  -21.146 15.829  1.00 37.71 ? 96  HOH B O     1 
HETATM 602 O O     . HOH E 3 .  ? 12.266  -8.424  -2.094  1.00 43.79 ? 100 HOH B O     1 
HETATM 603 O O     . HOH E 3 .  ? 10.898  -11.152 -3.097  1.00 65.18 ? 103 HOH B O     1 
HETATM 604 O O     . HOH E 3 .  ? 5.074   -15.519 -8.890  1.00 56.40 ? 104 HOH B O     1 
HETATM 605 O O     . HOH E 3 .  ? 7.061   -8.976  4.505   1.00 66.66 ? 106 HOH B O     1 
HETATM 606 O O     . HOH E 3 .  ? 7.122   6.099   3.669   1.00 42.74 ? 111 HOH B O     1 
HETATM 607 O O     . HOH E 3 .  ? 3.910   -13.357 -6.326  1.00 76.27 ? 113 HOH B O     1 
HETATM 608 O O     . HOH E 3 .  ? 13.320  16.154  5.705   1.00 59.08 ? 114 HOH B O     1 
HETATM 609 O O     . HOH E 3 .  ? 6.140   13.984  2.626   1.00 48.29 ? 116 HOH B O     1 
# 
